data_5FUO
#
_entry.id   5FUO
#
_cell.length_a   217.640
_cell.length_b   217.640
_cell.length_c   78.650
_cell.angle_alpha   90.00
_cell.angle_beta   90.00
_cell.angle_gamma   120.00
#
_symmetry.space_group_name_H-M   'P 31 2 1'
#
loop_
_entity.id
_entity.type
_entity.pdbx_description
1 polymer 'SERUM ALBUMIN'
2 polymer 'FAB HEAVY CHAIN'
3 polymer 'FAB LIGHT CHAIN'
#
loop_
_entity_poly.entity_id
_entity_poly.type
_entity_poly.pdbx_seq_one_letter_code
_entity_poly.pdbx_strand_id
1 'polypeptide(L)'
;DAHKSEVAHRFKDLGEENFKALVLIAFAQYLQQCPFEDHVKLVNEVTEFAKTCVADESAENCDKSLHTLFGDKLCTVATL
RETYGEMADCCAKQEPERNECFLQHKDDNPNLPRLVRPEVDVMCTAFHDNEETFLKKYLYEIARRHPYFYAPELLFFAKR
YKAAFTECCQAADKAACLLPKLDELRDEGKASSAKQRLKCASLQKFGERAFKAWAVARLSQRFPKAEFAEVSKLVTDLTK
VHTECCHGDLLECADDRADLAKYICENQDSISSKLKECCEKPLLEKSHCIAEVENDEMPADLPSLAADFVESKDVCKNYA
EAKDVFLGMFLYEYARRHPDYSVVLLLRLAKTYETTLEKCCAAADPHECYAKVFDEFKPLVEEPQNLIKQNCELFEQLGE
YKFQNALLVRYTKKVPQVSTPTLVEVSRNLGKVGSKCCKHPEAKRMPCAEDYLSVVLNQLCVLHEKTPVSDRVTKCCTES
LVNRRPCFSALEVDETYVPKEFNAETFTFHADICTLSEKERQIKKQTALVELVKHKPKATKEQLKAVMDDFAAFVEKCCK
ADDKETCFAEEGKKLVAASQAALGL
;
A
2 'polypeptide(L)'
;EVQLLESGGGLVQPGGSLRLSCAVSGIDLSNYAINWVRQAPGKGLEWIGIIWASGTTFYATWAKGRFTISRDNSKNTVYL
QMNSLRAEDTAVYYCARTVPGYSTAPYFDLWGQGTLVTVSSASTKGPSVFPLAPSSKSTSGGTAALGCLVKDYFPEPVTV
SWNSGALTSGVHTFPAVLQSSGLYSLSSVVTVPSSSLGTQTYICNVNHKPSNTKVDKKVEPKSCDKTHHHHHH
;
H
3 'polypeptide(L)'
;DIQMTQSPSSVSASVGDRVTITCQSSPSVWSNFLSWYQQKPGKAPKLLIYEASKLTSGVPSRFSGSGSGTDFTLTISSLQ
PEDFATYYCGGGYSSISDTTFGGGTKVEIKRTVAAPSVFIFPPSDEQLKSGTASVVCLLNNFYPREAKVQWKVDNALQSG
NSQESVTEQDSKDSTYSLSSTLTLSKADYEKHKVYACEVTHQGLSSPVTKSFNRGEC
;
L
#
# COMPACT_ATOMS: atom_id res chain seq x y z
N SER A 5 -3.69 41.73 25.04
CA SER A 5 -2.85 42.19 23.90
C SER A 5 -1.86 41.09 23.50
N GLU A 6 -2.12 40.45 22.36
CA GLU A 6 -1.27 39.35 21.92
C GLU A 6 -0.13 39.78 21.01
N VAL A 7 -0.43 40.60 20.01
CA VAL A 7 0.61 41.05 19.09
C VAL A 7 1.73 41.78 19.84
N ALA A 8 1.34 42.43 20.93
CA ALA A 8 2.29 43.17 21.75
C ALA A 8 3.10 42.21 22.61
N HIS A 9 2.42 41.24 23.21
CA HIS A 9 3.06 40.22 24.04
C HIS A 9 4.17 39.50 23.26
N ARG A 10 3.91 39.14 22.01
CA ARG A 10 4.88 38.45 21.16
C ARG A 10 5.98 39.39 20.68
N PHE A 11 5.66 40.67 20.54
CA PHE A 11 6.67 41.64 20.10
C PHE A 11 7.70 41.92 21.19
N LYS A 12 7.23 42.02 22.44
CA LYS A 12 8.15 42.28 23.53
C LYS A 12 8.99 41.05 23.79
N ASP A 13 8.37 39.87 23.65
CA ASP A 13 9.06 38.61 23.87
C ASP A 13 10.21 38.34 22.93
N LEU A 14 9.87 38.25 21.65
CA LEU A 14 10.80 37.96 20.57
C LEU A 14 11.84 39.03 20.26
N GLY A 15 11.46 40.28 20.44
CA GLY A 15 12.37 41.35 20.10
C GLY A 15 11.96 41.86 18.72
N GLU A 16 12.26 43.11 18.44
CA GLU A 16 11.87 43.72 17.16
C GLU A 16 12.34 43.00 15.91
N GLU A 17 13.65 42.83 15.79
CA GLU A 17 14.24 42.18 14.64
C GLU A 17 13.61 40.83 14.29
N ASN A 18 13.65 39.90 15.24
CA ASN A 18 13.07 38.58 15.03
C ASN A 18 11.59 38.70 14.67
N PHE A 19 10.90 39.62 15.34
CA PHE A 19 9.49 39.84 15.08
C PHE A 19 9.32 40.26 13.62
N LYS A 20 10.11 41.23 13.19
CA LYS A 20 10.03 41.71 11.83
C LYS A 20 10.23 40.56 10.85
N ALA A 21 11.32 39.82 11.03
CA ALA A 21 11.66 38.70 10.16
C ALA A 21 10.61 37.60 10.12
N LEU A 22 10.02 37.29 11.28
CA LEU A 22 9.00 36.26 11.35
C LEU A 22 7.76 36.65 10.58
N VAL A 23 7.33 37.90 10.74
CA VAL A 23 6.13 38.38 10.06
C VAL A 23 6.35 38.41 8.54
N LEU A 24 7.55 38.79 8.13
CA LEU A 24 7.88 38.80 6.72
C LEU A 24 7.76 37.37 6.17
N ILE A 25 8.26 36.39 6.94
CA ILE A 25 8.23 34.96 6.55
C ILE A 25 6.82 34.43 6.48
N ALA A 26 5.97 34.92 7.37
CA ALA A 26 4.58 34.52 7.40
C ALA A 26 3.90 35.05 6.15
N PHE A 27 4.31 36.24 5.73
CA PHE A 27 3.74 36.87 4.55
C PHE A 27 4.23 36.26 3.24
N ALA A 28 5.48 35.80 3.24
CA ALA A 28 6.04 35.22 2.02
C ALA A 28 5.53 33.79 1.83
N GLN A 29 5.09 33.19 2.94
CA GLN A 29 4.56 31.83 2.93
C GLN A 29 3.09 31.78 2.48
N TYR A 30 2.33 32.83 2.79
CA TYR A 30 0.93 32.88 2.38
C TYR A 30 0.81 33.32 0.91
N LEU A 31 1.49 34.41 0.56
CA LEU A 31 1.46 34.93 -0.80
C LEU A 31 2.82 34.83 -1.46
N GLN A 32 3.17 33.61 -1.89
CA GLN A 32 4.46 33.32 -2.52
C GLN A 32 4.60 33.97 -3.90
N GLN A 33 3.61 34.72 -4.35
CA GLN A 33 3.65 35.36 -5.68
C GLN A 33 3.92 36.86 -5.63
N CYS A 34 3.46 37.52 -4.57
CA CYS A 34 3.67 38.96 -4.41
C CYS A 34 5.17 39.28 -4.40
N PRO A 35 5.57 40.42 -5.00
CA PRO A 35 6.97 40.88 -5.06
C PRO A 35 7.53 41.22 -3.68
N PHE A 36 8.86 41.28 -3.59
CA PHE A 36 9.54 41.57 -2.34
C PHE A 36 9.16 42.94 -1.79
N GLU A 37 9.04 43.92 -2.68
CA GLU A 37 8.70 45.27 -2.28
C GLU A 37 7.34 45.33 -1.60
N ASP A 38 6.38 44.60 -2.16
CA ASP A 38 5.03 44.55 -1.59
C ASP A 38 5.04 44.06 -0.15
N HIS A 39 5.62 42.89 0.06
CA HIS A 39 5.70 42.30 1.39
C HIS A 39 6.46 43.21 2.37
N VAL A 40 7.57 43.79 1.92
CA VAL A 40 8.35 44.68 2.78
C VAL A 40 7.44 45.75 3.39
N LYS A 41 6.68 46.42 2.53
CA LYS A 41 5.76 47.45 2.99
C LYS A 41 4.91 46.90 4.13
N LEU A 42 4.07 45.93 3.81
CA LEU A 42 3.17 45.28 4.78
C LEU A 42 3.82 44.86 6.09
N VAL A 43 5.02 44.30 6.01
CA VAL A 43 5.74 43.86 7.20
C VAL A 43 6.17 45.07 8.03
N ASN A 44 6.62 46.12 7.36
CA ASN A 44 7.03 47.34 8.07
C ASN A 44 5.83 48.06 8.67
N GLU A 45 4.65 47.82 8.10
CA GLU A 45 3.42 48.44 8.60
C GLU A 45 2.92 47.69 9.83
N VAL A 46 3.12 46.38 9.83
CA VAL A 46 2.72 45.55 10.96
C VAL A 46 3.63 45.86 12.13
N THR A 47 4.91 46.08 11.84
CA THR A 47 5.89 46.38 12.89
C THR A 47 5.61 47.73 13.55
N GLU A 48 5.05 48.67 12.78
CA GLU A 48 4.69 49.96 13.35
C GLU A 48 3.64 49.65 14.37
N PHE A 49 2.48 49.25 13.86
CA PHE A 49 1.34 48.91 14.68
C PHE A 49 1.71 48.12 15.91
N ALA A 50 2.72 47.26 15.76
CA ALA A 50 3.17 46.45 16.89
C ALA A 50 3.76 47.37 17.97
N LYS A 51 4.52 48.37 17.56
CA LYS A 51 5.15 49.31 18.51
C LYS A 51 4.09 50.16 19.23
N THR A 52 3.09 50.64 18.49
CA THR A 52 2.03 51.42 19.09
C THR A 52 1.31 50.61 20.16
N CYS A 53 1.36 49.28 20.02
CA CYS A 53 0.73 48.38 20.98
C CYS A 53 1.62 48.13 22.20
N VAL A 54 2.93 48.17 21.98
CA VAL A 54 3.90 47.94 23.06
C VAL A 54 3.89 49.15 23.99
N ALA A 55 3.50 50.29 23.44
CA ALA A 55 3.43 51.52 24.19
C ALA A 55 2.02 51.78 24.72
N ASP A 56 1.10 50.86 24.43
CA ASP A 56 -0.29 50.96 24.88
C ASP A 56 -1.04 49.71 24.45
N GLU A 57 -0.92 48.66 25.26
CA GLU A 57 -1.57 47.40 24.94
C GLU A 57 -3.09 47.55 24.94
N SER A 58 -3.59 48.64 25.51
CA SER A 58 -5.02 48.86 25.55
C SER A 58 -5.46 49.70 24.37
N ALA A 59 -4.49 50.19 23.60
CA ALA A 59 -4.78 51.03 22.43
C ALA A 59 -5.77 50.32 21.52
N GLU A 60 -6.62 51.11 20.87
CA GLU A 60 -7.64 50.56 19.96
C GLU A 60 -7.00 49.59 18.96
N ASN A 61 -7.57 48.39 18.87
CA ASN A 61 -7.13 47.33 17.96
C ASN A 61 -5.91 46.49 18.37
N CYS A 62 -5.39 46.70 19.57
CA CYS A 62 -4.21 45.95 19.99
C CYS A 62 -4.48 44.65 20.74
N ASP A 63 -5.73 44.38 21.04
CA ASP A 63 -6.07 43.17 21.77
C ASP A 63 -6.66 42.09 20.87
N LYS A 64 -6.83 42.37 19.59
CA LYS A 64 -7.39 41.35 18.69
C LYS A 64 -6.34 40.33 18.27
N SER A 65 -6.80 39.11 18.01
CA SER A 65 -5.96 37.98 17.62
C SER A 65 -4.98 38.28 16.49
N LEU A 66 -3.89 37.51 16.45
CA LEU A 66 -2.87 37.69 15.42
C LEU A 66 -3.43 37.35 14.05
N HIS A 67 -4.35 36.38 14.02
CA HIS A 67 -4.97 35.95 12.78
C HIS A 67 -5.74 37.11 12.15
N THR A 68 -6.42 37.88 12.99
CA THR A 68 -7.20 39.04 12.56
C THR A 68 -6.23 40.10 12.07
N LEU A 69 -5.32 40.51 12.95
CA LEU A 69 -4.34 41.52 12.61
C LEU A 69 -3.58 41.18 11.33
N PHE A 70 -3.05 39.96 11.24
CA PHE A 70 -2.30 39.57 10.07
C PHE A 70 -3.19 39.33 8.85
N GLY A 71 -4.35 38.73 9.08
CA GLY A 71 -5.29 38.44 8.01
C GLY A 71 -5.82 39.71 7.36
N ASP A 72 -6.02 40.75 8.17
CA ASP A 72 -6.50 42.04 7.66
C ASP A 72 -5.46 42.64 6.73
N LYS A 73 -4.22 42.70 7.21
CA LYS A 73 -3.12 43.25 6.44
C LYS A 73 -3.00 42.57 5.08
N LEU A 74 -3.18 41.25 5.06
CA LEU A 74 -3.08 40.47 3.83
C LEU A 74 -4.23 40.76 2.85
N CYS A 75 -5.39 41.11 3.38
CA CYS A 75 -6.55 41.40 2.54
C CYS A 75 -6.58 42.83 1.99
N THR A 76 -5.54 43.61 2.31
CA THR A 76 -5.41 44.98 1.83
C THR A 76 -4.91 44.93 0.39
N VAL A 77 -4.25 43.82 0.05
CA VAL A 77 -3.71 43.63 -1.29
C VAL A 77 -3.87 42.18 -1.75
N ALA A 78 -5.06 41.60 -1.53
CA ALA A 78 -5.33 40.21 -1.93
C ALA A 78 -6.51 40.10 -2.90
N THR A 79 -7.27 41.20 -3.06
CA THR A 79 -8.41 41.22 -3.99
C THR A 79 -7.92 41.55 -5.42
N LEU A 80 -6.79 40.96 -5.78
CA LEU A 80 -6.17 41.15 -7.10
C LEU A 80 -5.95 39.76 -7.72
N ARG A 81 -7.04 39.09 -8.11
CA ARG A 81 -6.98 37.76 -8.72
C ARG A 81 -6.15 37.73 -10.01
N GLU A 82 -5.91 38.90 -10.59
CA GLU A 82 -5.13 39.01 -11.82
C GLU A 82 -3.63 38.76 -11.59
N THR A 83 -3.29 38.34 -10.38
CA THR A 83 -1.90 38.03 -10.01
C THR A 83 -1.85 36.92 -8.96
N TYR A 84 -2.98 36.68 -8.29
CA TYR A 84 -3.09 35.67 -7.24
C TYR A 84 -4.16 34.64 -7.62
N GLY A 85 -5.42 35.05 -7.60
CA GLY A 85 -6.49 34.14 -7.99
C GLY A 85 -7.59 33.89 -6.98
N GLU A 86 -7.46 32.80 -6.21
CA GLU A 86 -8.45 32.40 -5.22
C GLU A 86 -8.19 32.83 -3.78
N MET A 87 -7.22 33.72 -3.59
CA MET A 87 -6.87 34.25 -2.26
C MET A 87 -7.93 35.27 -1.81
N ALA A 88 -8.71 35.75 -2.78
CA ALA A 88 -9.78 36.70 -2.50
C ALA A 88 -10.88 35.92 -1.79
N ASP A 89 -11.02 34.64 -2.12
CA ASP A 89 -12.02 33.76 -1.50
C ASP A 89 -11.81 33.73 0.00
N CYS A 90 -10.55 33.64 0.39
CA CYS A 90 -10.16 33.60 1.78
C CYS A 90 -10.52 34.88 2.54
N CYS A 91 -10.47 36.01 1.85
CA CYS A 91 -10.78 37.30 2.46
C CYS A 91 -12.27 37.54 2.72
N ALA A 92 -13.12 36.82 1.99
CA ALA A 92 -14.56 36.94 2.16
C ALA A 92 -15.02 36.02 3.27
N LYS A 93 -14.09 35.61 4.11
CA LYS A 93 -14.37 34.73 5.24
C LYS A 93 -13.91 35.37 6.56
N GLN A 94 -14.47 34.88 7.66
CA GLN A 94 -14.10 35.37 8.98
C GLN A 94 -13.23 34.32 9.67
N GLU A 95 -12.34 34.77 10.55
CA GLU A 95 -11.46 33.86 11.26
C GLU A 95 -12.28 32.84 12.05
N PRO A 96 -11.76 31.62 12.20
CA PRO A 96 -10.47 31.16 11.66
C PRO A 96 -10.59 30.56 10.27
N GLU A 97 -11.75 30.75 9.64
CA GLU A 97 -12.01 30.22 8.30
C GLU A 97 -11.00 30.81 7.33
N ARG A 98 -10.87 32.14 7.39
CA ARG A 98 -9.96 32.88 6.52
C ARG A 98 -8.53 32.35 6.67
N ASN A 99 -8.13 32.03 7.90
CA ASN A 99 -6.79 31.52 8.17
C ASN A 99 -6.60 30.13 7.56
N GLU A 100 -7.46 29.19 7.93
CA GLU A 100 -7.36 27.83 7.41
C GLU A 100 -7.44 27.85 5.89
N CYS A 101 -8.19 28.81 5.35
CA CYS A 101 -8.31 28.93 3.90
C CYS A 101 -6.91 29.19 3.33
N PHE A 102 -6.26 30.25 3.81
CA PHE A 102 -4.92 30.60 3.33
C PHE A 102 -3.98 29.42 3.35
N LEU A 103 -3.83 28.83 4.54
CA LEU A 103 -2.96 27.68 4.72
C LEU A 103 -3.19 26.68 3.61
N GLN A 104 -4.46 26.38 3.36
CA GLN A 104 -4.83 25.44 2.33
C GLN A 104 -4.29 25.84 0.96
N HIS A 105 -4.11 27.13 0.75
CA HIS A 105 -3.61 27.64 -0.53
C HIS A 105 -2.11 27.88 -0.57
N LYS A 106 -1.37 27.02 0.13
CA LYS A 106 0.08 27.14 0.15
C LYS A 106 0.55 26.24 -0.98
N ASP A 107 1.20 26.83 -1.96
CA ASP A 107 1.68 26.07 -3.11
C ASP A 107 3.03 25.43 -2.76
N ASP A 108 3.06 24.10 -2.69
CA ASP A 108 4.30 23.40 -2.37
C ASP A 108 5.39 23.74 -3.37
N ASN A 109 5.08 23.63 -4.65
CA ASN A 109 6.06 23.97 -5.68
C ASN A 109 5.59 25.15 -6.50
N PRO A 110 5.81 26.36 -5.98
CA PRO A 110 5.40 27.59 -6.68
C PRO A 110 6.02 27.64 -8.08
N ASN A 111 5.40 28.42 -8.96
CA ASN A 111 5.87 28.58 -10.32
C ASN A 111 7.05 29.55 -10.28
N LEU A 112 7.96 29.33 -9.33
CA LEU A 112 9.13 30.17 -9.14
C LEU A 112 10.41 29.61 -9.72
N PRO A 113 11.05 30.37 -10.63
CA PRO A 113 12.30 29.90 -11.25
C PRO A 113 13.40 29.88 -10.18
N ARG A 114 14.07 28.75 -9.99
CA ARG A 114 15.14 28.66 -8.99
C ARG A 114 15.99 29.91 -9.16
N LEU A 115 16.52 30.47 -8.09
CA LEU A 115 17.28 31.70 -8.25
C LEU A 115 18.80 31.49 -8.38
N VAL A 116 19.33 31.39 -9.60
CA VAL A 116 20.77 31.20 -9.79
C VAL A 116 21.52 32.30 -9.02
N ARG A 117 22.44 31.89 -8.16
CA ARG A 117 23.18 32.84 -7.35
C ARG A 117 24.32 33.52 -8.12
N PRO A 118 24.35 34.87 -8.10
CA PRO A 118 25.37 35.67 -8.79
C PRO A 118 26.81 35.35 -8.35
N GLU A 119 27.78 36.15 -8.77
CA GLU A 119 29.14 35.90 -8.37
C GLU A 119 29.40 36.45 -6.98
N VAL A 120 30.51 36.02 -6.39
CA VAL A 120 30.90 36.48 -5.06
C VAL A 120 31.01 38.01 -4.97
N ASP A 121 31.54 38.64 -6.03
CA ASP A 121 31.68 40.10 -6.07
C ASP A 121 30.32 40.77 -6.05
N VAL A 122 29.45 40.32 -6.95
CA VAL A 122 28.11 40.87 -7.05
C VAL A 122 27.37 40.76 -5.73
N MET A 123 27.36 39.56 -5.16
CA MET A 123 26.68 39.32 -3.89
C MET A 123 27.24 40.18 -2.76
N CYS A 124 28.55 40.11 -2.55
CA CYS A 124 29.19 40.89 -1.50
C CYS A 124 28.96 42.39 -1.67
N THR A 125 28.90 42.83 -2.93
CA THR A 125 28.66 44.25 -3.24
C THR A 125 27.22 44.62 -2.84
N ALA A 126 26.30 43.72 -3.17
CA ALA A 126 24.90 43.94 -2.84
C ALA A 126 24.75 43.93 -1.32
N PHE A 127 25.46 43.01 -0.66
CA PHE A 127 25.41 42.86 0.80
C PHE A 127 25.90 44.12 1.51
N HIS A 128 27.01 44.67 1.03
CA HIS A 128 27.58 45.87 1.65
C HIS A 128 26.77 47.11 1.30
N ASP A 129 26.03 47.05 0.19
CA ASP A 129 25.17 48.17 -0.20
C ASP A 129 24.17 48.37 0.95
N ASN A 130 23.13 47.55 0.93
CA ASN A 130 22.09 47.57 1.95
C ASN A 130 22.08 46.18 2.60
N GLU A 131 22.74 46.07 3.74
CA GLU A 131 22.82 44.81 4.44
C GLU A 131 21.45 44.27 4.83
N GLU A 132 20.53 45.17 5.21
CA GLU A 132 19.18 44.76 5.62
C GLU A 132 18.35 44.23 4.45
N THR A 133 18.24 45.03 3.40
CA THR A 133 17.48 44.64 2.21
C THR A 133 18.00 43.31 1.66
N PHE A 134 19.32 43.11 1.76
CA PHE A 134 19.97 41.89 1.26
C PHE A 134 19.46 40.69 2.02
N LEU A 135 19.46 40.79 3.34
CA LEU A 135 19.01 39.70 4.17
C LEU A 135 17.50 39.48 4.05
N LYS A 136 16.71 40.55 4.08
CA LYS A 136 15.27 40.42 3.96
C LYS A 136 14.94 39.76 2.61
N LYS A 137 15.76 40.05 1.61
CA LYS A 137 15.61 39.50 0.26
C LYS A 137 15.74 37.99 0.41
N TYR A 138 16.78 37.58 1.16
CA TYR A 138 17.06 36.18 1.43
C TYR A 138 15.82 35.51 2.02
N LEU A 139 15.39 35.98 3.20
CA LEU A 139 14.22 35.41 3.87
C LEU A 139 13.02 35.27 2.94
N TYR A 140 12.72 36.35 2.24
CA TYR A 140 11.60 36.40 1.33
C TYR A 140 11.62 35.26 0.31
N GLU A 141 12.74 35.14 -0.37
CA GLU A 141 12.88 34.11 -1.40
C GLU A 141 12.78 32.70 -0.86
N ILE A 142 13.47 32.43 0.23
CA ILE A 142 13.45 31.10 0.83
C ILE A 142 12.02 30.70 1.22
N ALA A 143 11.39 31.54 2.04
CA ALA A 143 10.03 31.29 2.53
C ALA A 143 9.00 31.05 1.43
N ARG A 144 8.96 31.91 0.43
CA ARG A 144 8.00 31.80 -0.67
C ARG A 144 8.19 30.52 -1.49
N ARG A 145 9.42 29.99 -1.51
CA ARG A 145 9.71 28.76 -2.24
C ARG A 145 9.48 27.54 -1.36
N HIS A 146 9.57 27.75 -0.05
CA HIS A 146 9.36 26.68 0.91
C HIS A 146 8.34 27.15 1.95
N PRO A 147 7.06 27.25 1.55
CA PRO A 147 5.95 27.69 2.40
C PRO A 147 5.81 26.95 3.72
N TYR A 148 6.54 25.85 3.88
CA TYR A 148 6.49 25.08 5.12
C TYR A 148 7.86 24.89 5.79
N PHE A 149 8.72 25.89 5.65
CA PHE A 149 10.03 25.89 6.27
C PHE A 149 9.84 26.21 7.75
N TYR A 150 10.58 25.55 8.63
CA TYR A 150 10.41 25.82 10.06
C TYR A 150 10.84 27.25 10.36
N ALA A 151 9.86 28.15 10.46
CA ALA A 151 10.12 29.58 10.70
C ALA A 151 11.29 29.95 11.62
N PRO A 152 11.25 29.50 12.88
CA PRO A 152 12.33 29.79 13.84
C PRO A 152 13.68 29.42 13.27
N GLU A 153 13.75 28.23 12.70
CA GLU A 153 14.99 27.75 12.12
C GLU A 153 15.43 28.64 10.97
N LEU A 154 14.49 29.05 10.13
CA LEU A 154 14.83 29.92 9.01
C LEU A 154 15.59 31.16 9.53
N LEU A 155 15.14 31.71 10.65
CA LEU A 155 15.79 32.87 11.24
C LEU A 155 17.23 32.53 11.58
N PHE A 156 17.45 31.25 11.93
CA PHE A 156 18.78 30.76 12.28
C PHE A 156 19.68 30.67 11.05
N PHE A 157 19.10 30.27 9.93
CA PHE A 157 19.85 30.16 8.69
C PHE A 157 20.14 31.52 8.14
N ALA A 158 19.35 32.50 8.55
CA ALA A 158 19.54 33.87 8.09
C ALA A 158 20.62 34.55 8.92
N LYS A 159 20.77 34.10 10.17
CA LYS A 159 21.78 34.66 11.06
C LYS A 159 23.15 34.15 10.64
N ARG A 160 23.19 32.94 10.12
CA ARG A 160 24.45 32.39 9.65
C ARG A 160 24.73 32.85 8.22
N TYR A 161 23.67 33.04 7.44
CA TYR A 161 23.81 33.52 6.07
C TYR A 161 24.48 34.90 6.13
N LYS A 162 24.02 35.74 7.04
CA LYS A 162 24.57 37.08 7.22
C LYS A 162 26.02 36.93 7.64
N ALA A 163 26.26 36.18 8.72
CA ALA A 163 27.61 35.99 9.22
C ALA A 163 28.56 35.47 8.16
N ALA A 164 28.05 34.64 7.25
CA ALA A 164 28.88 34.11 6.17
C ALA A 164 29.32 35.24 5.22
N PHE A 165 28.44 36.21 5.00
CA PHE A 165 28.79 37.32 4.14
C PHE A 165 29.63 38.30 4.94
N THR A 166 29.40 38.33 6.25
CA THR A 166 30.12 39.20 7.17
C THR A 166 31.61 38.85 7.24
N GLU A 167 31.92 37.55 7.22
CA GLU A 167 33.31 37.09 7.32
C GLU A 167 34.01 36.83 5.98
N CYS A 168 33.23 36.51 4.95
CA CYS A 168 33.82 36.22 3.67
C CYS A 168 34.06 37.42 2.76
N CYS A 169 33.23 38.44 2.85
CA CYS A 169 33.44 39.60 2.00
C CYS A 169 34.66 40.42 2.45
N GLN A 170 35.18 40.11 3.63
CA GLN A 170 36.36 40.79 4.18
C GLN A 170 37.52 39.82 4.15
N ALA A 171 37.44 38.84 3.26
CA ALA A 171 38.48 37.84 3.18
C ALA A 171 39.40 37.93 1.97
N ALA A 172 40.56 37.29 2.12
CA ALA A 172 41.60 37.21 1.10
C ALA A 172 41.04 36.58 -0.18
N ASP A 173 40.50 35.36 -0.06
CA ASP A 173 39.89 34.66 -1.19
C ASP A 173 38.40 34.63 -0.91
N LYS A 174 37.72 35.70 -1.28
CA LYS A 174 36.29 35.84 -1.05
C LYS A 174 35.41 34.68 -1.56
N ALA A 175 35.74 34.13 -2.74
CA ALA A 175 34.96 33.05 -3.32
C ALA A 175 35.26 31.70 -2.63
N ALA A 176 36.51 31.55 -2.16
CA ALA A 176 36.95 30.32 -1.49
C ALA A 176 36.36 30.18 -0.10
N CYS A 177 36.11 31.32 0.54
CA CYS A 177 35.53 31.39 1.87
C CYS A 177 34.00 31.32 1.83
N LEU A 178 33.41 32.07 0.89
CA LEU A 178 31.97 32.17 0.78
C LEU A 178 31.19 31.04 0.11
N LEU A 179 31.71 30.49 -0.97
CA LEU A 179 31.01 29.41 -1.68
C LEU A 179 30.80 28.10 -0.93
N PRO A 180 31.84 27.55 -0.27
CA PRO A 180 31.59 26.30 0.44
C PRO A 180 30.56 26.51 1.56
N LYS A 181 30.51 27.72 2.11
CA LYS A 181 29.56 28.05 3.17
C LYS A 181 28.16 28.25 2.61
N LEU A 182 28.06 28.89 1.45
CA LEU A 182 26.76 29.12 0.81
C LEU A 182 26.19 27.83 0.28
N ASP A 183 27.08 26.90 -0.09
CA ASP A 183 26.62 25.61 -0.59
C ASP A 183 26.04 24.84 0.59
N GLU A 184 26.78 24.82 1.70
CA GLU A 184 26.36 24.13 2.92
C GLU A 184 25.05 24.67 3.47
N LEU A 185 24.92 26.00 3.52
CA LEU A 185 23.69 26.61 4.01
C LEU A 185 22.55 26.21 3.08
N ARG A 186 22.86 25.98 1.81
CA ARG A 186 21.87 25.57 0.82
C ARG A 186 21.41 24.15 1.11
N ASP A 187 22.38 23.26 1.36
CA ASP A 187 22.12 21.85 1.68
C ASP A 187 21.35 21.73 2.99
N GLU A 188 21.84 22.36 4.05
CA GLU A 188 21.13 22.29 5.32
C GLU A 188 19.76 22.96 5.22
N GLY A 189 19.59 23.83 4.23
CA GLY A 189 18.31 24.50 4.06
C GLY A 189 17.24 23.59 3.50
N LYS A 190 17.49 23.05 2.32
CA LYS A 190 16.55 22.12 1.71
C LYS A 190 16.18 21.13 2.79
N ALA A 191 17.22 20.54 3.39
CA ALA A 191 17.07 19.55 4.46
C ALA A 191 16.10 19.97 5.54
N SER A 192 16.30 21.19 6.05
CA SER A 192 15.44 21.71 7.11
C SER A 192 14.00 21.91 6.65
N SER A 193 13.84 22.32 5.39
CA SER A 193 12.52 22.54 4.85
C SER A 193 11.78 21.23 4.63
N ALA A 194 12.50 20.23 4.11
CA ALA A 194 11.94 18.91 3.85
C ALA A 194 11.58 18.21 5.16
N LYS A 195 12.58 18.09 6.03
CA LYS A 195 12.41 17.45 7.32
C LYS A 195 11.25 18.07 8.14
N GLN A 196 10.92 19.32 7.86
CA GLN A 196 9.83 20.02 8.55
C GLN A 196 8.55 19.75 7.79
N ARG A 197 8.65 19.70 6.47
CA ARG A 197 7.49 19.46 5.65
C ARG A 197 6.84 18.18 6.14
N LEU A 198 7.65 17.17 6.41
CA LEU A 198 7.17 15.89 6.89
C LEU A 198 6.46 16.03 8.25
N LYS A 199 7.02 16.84 9.18
CA LYS A 199 6.40 17.05 10.49
C LYS A 199 5.00 17.67 10.37
N CYS A 200 4.89 18.67 9.50
CA CYS A 200 3.60 19.33 9.28
C CYS A 200 2.61 18.33 8.68
N ALA A 201 3.10 17.51 7.76
CA ALA A 201 2.27 16.50 7.13
C ALA A 201 1.79 15.51 8.19
N SER A 202 2.68 15.11 9.10
CA SER A 202 2.29 14.16 10.14
C SER A 202 1.14 14.71 10.97
N LEU A 203 1.29 15.95 11.42
CA LEU A 203 0.30 16.60 12.25
C LEU A 203 -1.01 16.87 11.52
N GLN A 204 -0.92 17.31 10.28
CA GLN A 204 -2.09 17.65 9.48
C GLN A 204 -2.85 16.45 8.91
N LYS A 205 -2.14 15.40 8.55
CA LYS A 205 -2.79 14.25 7.98
C LYS A 205 -3.03 13.11 8.97
N PHE A 206 -2.20 12.98 9.99
CA PHE A 206 -2.33 11.89 10.95
C PHE A 206 -2.66 12.25 12.41
N GLY A 207 -2.90 13.53 12.65
CA GLY A 207 -3.25 13.98 13.99
C GLY A 207 -2.12 14.11 14.96
N GLU A 208 -2.40 14.79 16.07
CA GLU A 208 -1.41 15.03 17.10
C GLU A 208 -0.86 13.75 17.69
N ARG A 209 -1.73 12.78 17.93
CA ARG A 209 -1.28 11.51 18.51
C ARG A 209 -0.10 10.96 17.78
N ALA A 210 -0.15 11.04 16.46
CA ALA A 210 0.92 10.54 15.62
C ALA A 210 2.25 11.24 15.87
N PHE A 211 2.26 12.57 15.73
CA PHE A 211 3.49 13.33 15.94
C PHE A 211 4.07 13.09 17.35
N LYS A 212 3.22 13.15 18.37
CA LYS A 212 3.69 12.93 19.73
C LYS A 212 4.43 11.60 19.83
N ALA A 213 3.91 10.57 19.16
CA ALA A 213 4.54 9.26 19.18
C ALA A 213 5.92 9.33 18.53
N TRP A 214 5.98 10.02 17.40
CA TRP A 214 7.23 10.18 16.69
C TRP A 214 8.19 10.85 17.66
N ALA A 215 7.78 12.00 18.19
CA ALA A 215 8.64 12.74 19.11
C ALA A 215 9.14 11.84 20.25
N VAL A 216 8.23 11.13 20.90
CA VAL A 216 8.61 10.22 21.98
C VAL A 216 9.73 9.29 21.57
N ALA A 217 9.66 8.77 20.36
CA ALA A 217 10.69 7.87 19.87
C ALA A 217 12.00 8.61 19.62
N ARG A 218 11.95 9.65 18.78
CA ARG A 218 13.13 10.41 18.47
C ARG A 218 13.76 10.98 19.74
N LEU A 219 12.97 11.61 20.60
CA LEU A 219 13.51 12.20 21.83
C LEU A 219 14.06 11.19 22.85
N SER A 220 13.47 10.00 22.90
CA SER A 220 13.92 8.98 23.83
C SER A 220 15.25 8.45 23.39
N GLN A 221 15.49 8.51 22.09
CA GLN A 221 16.73 8.05 21.52
C GLN A 221 17.79 9.09 21.80
N ARG A 222 17.45 10.37 21.59
CA ARG A 222 18.39 11.47 21.81
C ARG A 222 18.75 11.72 23.28
N PHE A 223 17.78 11.61 24.18
CA PHE A 223 18.04 11.82 25.60
C PHE A 223 17.72 10.54 26.36
N PRO A 224 18.42 9.44 26.03
CA PRO A 224 18.18 8.15 26.69
C PRO A 224 18.28 8.12 28.21
N LYS A 225 18.97 9.10 28.78
CA LYS A 225 19.11 9.10 30.21
C LYS A 225 17.98 9.82 30.89
N ALA A 226 17.21 10.62 30.15
CA ALA A 226 16.10 11.40 30.71
C ALA A 226 14.96 10.51 31.14
N GLU A 227 14.22 10.88 32.19
CA GLU A 227 13.11 10.06 32.64
C GLU A 227 11.93 10.18 31.67
N PHE A 228 11.07 9.16 31.66
CA PHE A 228 9.92 9.16 30.75
C PHE A 228 9.11 10.44 30.84
N ALA A 229 8.75 10.84 32.05
CA ALA A 229 7.94 12.03 32.23
C ALA A 229 8.64 13.33 31.75
N GLU A 230 9.96 13.35 31.80
CA GLU A 230 10.71 14.53 31.35
C GLU A 230 10.70 14.55 29.85
N VAL A 231 10.66 13.35 29.29
CA VAL A 231 10.58 13.17 27.84
C VAL A 231 9.16 13.55 27.39
N SER A 232 8.17 13.05 28.12
CA SER A 232 6.79 13.32 27.82
C SER A 232 6.50 14.84 27.85
N LYS A 233 7.07 15.50 28.86
CA LYS A 233 6.90 16.95 29.07
C LYS A 233 7.48 17.66 27.87
N LEU A 234 8.53 17.10 27.31
CA LEU A 234 9.18 17.69 26.17
C LEU A 234 8.39 17.44 24.91
N VAL A 235 7.86 16.24 24.76
CA VAL A 235 7.08 15.93 23.57
C VAL A 235 5.85 16.81 23.44
N THR A 236 5.20 17.08 24.55
CA THR A 236 4.01 17.91 24.55
C THR A 236 4.38 19.31 24.05
N ASP A 237 5.41 19.89 24.65
CA ASP A 237 5.89 21.22 24.33
C ASP A 237 6.32 21.37 22.89
N LEU A 238 7.15 20.43 22.44
CA LEU A 238 7.66 20.43 21.09
C LEU A 238 6.49 20.35 20.10
N THR A 239 5.47 19.55 20.43
CA THR A 239 4.31 19.37 19.56
C THR A 239 3.52 20.67 19.45
N LYS A 240 3.21 21.29 20.59
CA LYS A 240 2.51 22.55 20.59
C LYS A 240 3.25 23.53 19.66
N VAL A 241 4.59 23.53 19.75
CA VAL A 241 5.43 24.39 18.94
C VAL A 241 5.27 24.13 17.44
N HIS A 242 5.51 22.89 17.01
CA HIS A 242 5.38 22.55 15.60
C HIS A 242 3.94 22.69 15.07
N THR A 243 2.96 22.55 15.96
CA THR A 243 1.56 22.68 15.58
C THR A 243 1.28 24.12 15.19
N GLU A 244 1.95 25.07 15.86
CA GLU A 244 1.75 26.48 15.57
C GLU A 244 2.46 26.87 14.29
N CYS A 245 3.71 26.45 14.15
CA CYS A 245 4.45 26.76 12.95
C CYS A 245 3.77 26.16 11.71
N CYS A 246 3.25 24.96 11.84
CA CYS A 246 2.59 24.33 10.72
C CYS A 246 1.22 24.97 10.41
N HIS A 247 0.63 25.62 11.42
CA HIS A 247 -0.66 26.27 11.30
C HIS A 247 -0.49 27.75 10.94
N GLY A 248 0.74 28.14 10.61
CA GLY A 248 0.99 29.52 10.22
C GLY A 248 1.17 30.52 11.35
N ASP A 249 1.08 30.07 12.60
CA ASP A 249 1.25 30.95 13.73
C ASP A 249 2.74 31.00 14.03
N LEU A 250 3.49 31.69 13.17
CA LEU A 250 4.93 31.77 13.33
C LEU A 250 5.41 32.52 14.57
N LEU A 251 4.84 33.70 14.82
CA LEU A 251 5.25 34.50 15.97
C LEU A 251 5.13 33.77 17.31
N GLU A 252 4.03 33.04 17.50
CA GLU A 252 3.82 32.29 18.74
C GLU A 252 4.60 30.99 18.71
N CYS A 253 4.91 30.49 17.52
CA CYS A 253 5.70 29.28 17.40
C CYS A 253 7.15 29.53 17.83
N ALA A 254 7.72 30.62 17.33
CA ALA A 254 9.09 31.00 17.68
C ALA A 254 9.16 31.37 19.16
N ASP A 255 8.11 32.00 19.67
CA ASP A 255 8.06 32.42 21.05
C ASP A 255 8.09 31.20 21.95
N ASP A 256 7.15 30.30 21.72
CA ASP A 256 7.08 29.10 22.52
C ASP A 256 8.31 28.22 22.37
N ARG A 257 8.93 28.23 21.18
CA ARG A 257 10.14 27.43 20.94
C ARG A 257 11.19 27.96 21.90
N ALA A 258 11.46 29.26 21.80
CA ALA A 258 12.44 29.93 22.64
C ALA A 258 12.21 29.56 24.12
N ASP A 259 10.95 29.58 24.55
CA ASP A 259 10.63 29.24 25.93
C ASP A 259 10.95 27.77 26.19
N LEU A 260 10.67 26.92 25.22
CA LEU A 260 10.98 25.51 25.38
C LEU A 260 12.49 25.33 25.42
N ALA A 261 13.21 26.09 24.60
CA ALA A 261 14.67 26.00 24.57
C ALA A 261 15.24 26.37 25.93
N LYS A 262 14.64 27.41 26.53
CA LYS A 262 15.04 27.90 27.85
C LYS A 262 14.86 26.77 28.84
N TYR A 263 13.67 26.16 28.86
CA TYR A 263 13.40 25.05 29.76
C TYR A 263 14.46 23.99 29.62
N ILE A 264 14.68 23.52 28.40
CA ILE A 264 15.67 22.48 28.17
C ILE A 264 17.06 22.82 28.71
N CYS A 265 17.49 24.03 28.48
CA CYS A 265 18.80 24.43 28.96
C CYS A 265 18.86 24.56 30.48
N GLU A 266 17.73 24.85 31.09
CA GLU A 266 17.71 25.01 32.52
C GLU A 266 17.55 23.68 33.17
N ASN A 267 17.21 22.66 32.39
CA ASN A 267 17.02 21.35 32.99
C ASN A 267 17.93 20.29 32.35
N GLN A 268 19.13 20.67 31.96
CA GLN A 268 20.04 19.73 31.31
C GLN A 268 20.28 18.46 32.10
N ASP A 269 20.64 18.64 33.35
CA ASP A 269 20.95 17.52 34.21
C ASP A 269 19.77 16.55 34.34
N SER A 270 18.69 16.78 33.58
CA SER A 270 17.51 15.91 33.63
C SER A 270 17.08 15.49 32.22
N ILE A 271 17.87 15.88 31.22
CA ILE A 271 17.54 15.59 29.84
C ILE A 271 18.69 14.96 29.04
N SER A 272 19.81 15.67 28.89
CA SER A 272 20.95 15.14 28.14
C SER A 272 22.25 15.86 28.54
N SER A 273 23.35 15.12 28.62
CA SER A 273 24.63 15.70 29.00
C SER A 273 25.39 16.23 27.80
N LYS A 274 24.73 16.23 26.66
CA LYS A 274 25.34 16.70 25.43
C LYS A 274 24.99 18.17 25.18
N LEU A 275 24.02 18.66 25.95
CA LEU A 275 23.55 20.02 25.82
C LEU A 275 24.41 21.16 26.40
N LYS A 276 25.49 20.88 27.11
CA LYS A 276 26.25 21.98 27.71
C LYS A 276 26.76 23.03 26.71
N GLU A 277 27.28 22.61 25.56
CA GLU A 277 27.79 23.58 24.58
C GLU A 277 26.60 24.31 23.96
N CYS A 278 25.54 23.58 23.68
CA CYS A 278 24.38 24.19 23.11
C CYS A 278 23.86 25.35 23.95
N CYS A 279 23.88 25.14 25.26
CA CYS A 279 23.38 26.14 26.19
C CYS A 279 24.36 27.22 26.56
N GLU A 280 25.26 27.50 25.63
CA GLU A 280 26.22 28.57 25.81
C GLU A 280 25.67 29.59 24.79
N LYS A 281 25.71 29.17 23.54
CA LYS A 281 25.26 29.93 22.38
C LYS A 281 24.12 30.93 22.57
N PRO A 282 24.03 31.92 21.67
CA PRO A 282 22.98 32.94 21.72
C PRO A 282 21.69 32.18 21.46
N LEU A 283 20.55 32.79 21.76
CA LEU A 283 19.27 32.09 21.58
C LEU A 283 19.04 31.42 20.23
N LEU A 284 19.41 32.05 19.13
CA LEU A 284 19.18 31.42 17.84
C LEU A 284 20.09 30.21 17.61
N GLU A 285 21.34 30.32 18.03
CA GLU A 285 22.31 29.23 17.86
C GLU A 285 21.98 28.12 18.84
N LYS A 286 21.52 28.52 20.02
CA LYS A 286 21.16 27.59 21.06
C LYS A 286 20.07 26.66 20.58
N SER A 287 18.97 27.22 20.07
CA SER A 287 17.85 26.43 19.54
C SER A 287 18.28 25.43 18.45
N HIS A 288 18.95 25.94 17.44
CA HIS A 288 19.43 25.09 16.36
C HIS A 288 20.34 23.99 16.89
N CYS A 289 21.20 24.38 17.80
CA CYS A 289 22.13 23.46 18.39
C CYS A 289 21.43 22.32 19.12
N ILE A 290 20.40 22.64 19.90
CA ILE A 290 19.67 21.63 20.67
C ILE A 290 18.94 20.63 19.76
N ALA A 291 18.46 21.09 18.62
CA ALA A 291 17.77 20.18 17.74
C ALA A 291 18.74 19.33 16.96
N GLU A 292 19.99 19.72 17.00
CA GLU A 292 21.01 18.98 16.28
C GLU A 292 21.85 18.16 17.24
N VAL A 293 21.57 18.28 18.53
CA VAL A 293 22.37 17.58 19.53
C VAL A 293 22.48 16.07 19.30
N GLU A 294 23.67 15.54 19.54
CA GLU A 294 23.95 14.10 19.37
C GLU A 294 23.30 13.31 20.49
N ASN A 295 22.86 12.11 20.19
CA ASN A 295 22.22 11.31 21.21
C ASN A 295 23.13 11.26 22.45
N ASP A 296 22.52 11.18 23.61
CA ASP A 296 23.28 11.10 24.84
C ASP A 296 23.75 9.65 24.97
N GLU A 297 24.61 9.40 25.95
CA GLU A 297 25.11 8.06 26.23
C GLU A 297 24.01 7.26 26.91
N MET A 298 23.65 6.12 26.33
CA MET A 298 22.62 5.29 26.95
C MET A 298 23.00 4.84 28.40
N PRO A 299 22.06 4.92 29.35
CA PRO A 299 22.43 4.48 30.69
C PRO A 299 22.93 3.05 30.64
N ALA A 300 23.96 2.75 31.41
CA ALA A 300 24.53 1.41 31.43
C ALA A 300 23.61 0.17 31.45
N ASP A 301 23.69 -0.56 32.53
CA ASP A 301 22.91 -1.79 32.69
C ASP A 301 21.43 -1.53 32.54
N LEU A 302 20.90 -1.47 31.31
CA LEU A 302 19.47 -1.24 31.19
C LEU A 302 18.83 -2.60 31.39
N PRO A 303 17.61 -2.64 31.97
CA PRO A 303 16.90 -3.91 32.21
C PRO A 303 16.15 -4.46 31.02
N SER A 304 15.63 -5.67 31.20
CA SER A 304 14.89 -6.31 30.16
C SER A 304 13.52 -5.65 30.12
N LEU A 305 12.91 -5.62 28.95
CA LEU A 305 11.61 -4.99 28.82
C LEU A 305 10.53 -6.02 29.12
N ALA A 306 10.78 -7.28 28.76
CA ALA A 306 9.83 -8.36 28.95
C ALA A 306 9.25 -8.42 30.37
N ALA A 307 9.95 -7.80 31.31
CA ALA A 307 9.53 -7.76 32.72
C ALA A 307 8.22 -6.98 32.91
N ASP A 308 8.27 -5.70 32.57
CA ASP A 308 7.08 -4.84 32.72
C ASP A 308 6.14 -4.87 31.53
N PHE A 309 6.51 -5.55 30.45
CA PHE A 309 5.66 -5.55 29.27
C PHE A 309 5.21 -6.90 28.77
N VAL A 310 5.68 -7.97 29.38
CA VAL A 310 5.29 -9.26 28.87
C VAL A 310 4.91 -10.23 29.96
N GLU A 311 5.72 -10.32 30.99
CA GLU A 311 5.45 -11.26 32.08
C GLU A 311 4.65 -10.63 33.22
N SER A 312 4.71 -9.30 33.34
CA SER A 312 3.95 -8.57 34.39
C SER A 312 2.51 -9.06 34.48
N LYS A 313 1.91 -8.95 35.67
CA LYS A 313 0.54 -9.43 35.88
C LYS A 313 -0.45 -8.34 35.53
N ASP A 314 0.08 -7.14 35.39
CA ASP A 314 -0.71 -5.96 35.10
C ASP A 314 -0.66 -5.48 33.65
N VAL A 315 0.06 -6.19 32.79
CA VAL A 315 0.17 -5.79 31.37
C VAL A 315 -1.16 -5.28 30.77
N CYS A 316 -2.14 -6.18 30.69
CA CYS A 316 -3.45 -5.86 30.15
C CYS A 316 -4.26 -4.87 31.01
N LYS A 317 -4.06 -4.92 32.33
CA LYS A 317 -4.79 -4.00 33.20
C LYS A 317 -4.23 -2.61 32.95
N ASN A 318 -2.93 -2.55 32.74
CA ASN A 318 -2.22 -1.31 32.48
C ASN A 318 -2.46 -0.83 31.06
N TYR A 319 -2.49 -1.75 30.09
CA TYR A 319 -2.72 -1.40 28.68
C TYR A 319 -4.17 -0.92 28.44
N ALA A 320 -5.04 -1.32 29.34
CA ALA A 320 -6.40 -0.90 29.24
C ALA A 320 -6.54 0.46 29.92
N GLU A 321 -6.16 0.57 31.20
CA GLU A 321 -6.27 1.85 31.99
C GLU A 321 -5.88 3.10 31.17
N ALA A 322 -4.58 3.17 30.82
CA ALA A 322 -4.01 4.27 30.03
C ALA A 322 -3.15 3.64 28.94
N LYS A 323 -3.73 3.53 27.76
CA LYS A 323 -3.06 2.91 26.64
C LYS A 323 -1.96 3.82 26.08
N ASP A 324 -2.20 5.14 26.07
CA ASP A 324 -1.23 6.08 25.52
C ASP A 324 -0.02 6.20 26.43
N VAL A 325 -0.26 6.01 27.73
CA VAL A 325 0.83 6.06 28.70
C VAL A 325 1.61 4.73 28.74
N PHE A 326 0.89 3.60 28.82
CA PHE A 326 1.58 2.32 28.87
C PHE A 326 2.44 2.15 27.62
N LEU A 327 1.85 2.44 26.46
CA LEU A 327 2.55 2.31 25.16
C LEU A 327 3.62 3.36 25.04
N GLY A 328 3.37 4.55 25.60
CA GLY A 328 4.37 5.59 25.55
C GLY A 328 5.62 5.09 26.27
N MET A 329 5.42 4.47 27.43
CA MET A 329 6.52 3.92 28.23
C MET A 329 7.26 2.82 27.44
N PHE A 330 6.49 1.99 26.74
CA PHE A 330 7.09 0.93 25.93
C PHE A 330 7.96 1.54 24.82
N LEU A 331 7.44 2.55 24.14
CA LEU A 331 8.17 3.19 23.07
C LEU A 331 9.40 3.88 23.66
N TYR A 332 9.19 4.66 24.73
CA TYR A 332 10.29 5.36 25.42
C TYR A 332 11.43 4.40 25.78
N GLU A 333 11.10 3.30 26.44
CA GLU A 333 12.08 2.30 26.86
C GLU A 333 12.78 1.57 25.70
N TYR A 334 12.02 1.30 24.63
CA TYR A 334 12.57 0.59 23.47
C TYR A 334 13.38 1.53 22.60
N ALA A 335 12.97 2.79 22.54
CA ALA A 335 13.65 3.83 21.74
C ALA A 335 15.01 4.13 22.37
N ARG A 336 15.00 4.60 23.62
CA ARG A 336 16.23 4.94 24.37
C ARG A 336 17.30 3.86 24.25
N ARG A 337 16.86 2.60 24.16
CA ARG A 337 17.77 1.47 24.07
C ARG A 337 18.22 1.15 22.68
N HIS A 338 17.65 1.81 21.67
CA HIS A 338 18.02 1.55 20.27
C HIS A 338 18.19 2.76 19.38
N PRO A 339 19.32 3.47 19.53
CA PRO A 339 19.58 4.65 18.71
C PRO A 339 19.99 4.17 17.33
N ASP A 340 20.06 2.86 17.17
CA ASP A 340 20.44 2.25 15.89
C ASP A 340 19.24 1.88 15.03
N TYR A 341 18.06 1.98 15.62
CA TYR A 341 16.83 1.69 14.91
C TYR A 341 16.27 2.99 14.36
N SER A 342 15.62 2.94 13.20
CA SER A 342 15.04 4.14 12.62
C SER A 342 13.81 4.46 13.44
N VAL A 343 13.35 5.70 13.43
CA VAL A 343 12.17 6.01 14.22
C VAL A 343 10.99 5.20 13.72
N VAL A 344 10.89 5.08 12.40
CA VAL A 344 9.81 4.34 11.80
C VAL A 344 9.79 2.91 12.30
N LEU A 345 10.95 2.25 12.36
CA LEU A 345 11.04 0.85 12.82
C LEU A 345 10.55 0.72 14.26
N LEU A 346 10.96 1.69 15.08
CA LEU A 346 10.56 1.74 16.46
C LEU A 346 9.03 1.83 16.53
N LEU A 347 8.44 2.72 15.73
CA LEU A 347 6.99 2.88 15.70
C LEU A 347 6.30 1.57 15.29
N ARG A 348 6.92 0.82 14.37
CA ARG A 348 6.37 -0.45 13.94
C ARG A 348 6.35 -1.44 15.11
N LEU A 349 7.48 -1.52 15.83
CA LEU A 349 7.55 -2.43 16.96
C LEU A 349 6.49 -2.03 17.98
N ALA A 350 6.26 -0.74 18.12
CA ALA A 350 5.27 -0.28 19.07
C ALA A 350 3.89 -0.73 18.61
N LYS A 351 3.62 -0.57 17.32
CA LYS A 351 2.32 -0.92 16.72
C LYS A 351 2.08 -2.40 16.87
N THR A 352 3.15 -3.20 16.73
CA THR A 352 3.08 -4.65 16.89
C THR A 352 2.70 -4.97 18.32
N TYR A 353 3.46 -4.43 19.25
CA TYR A 353 3.18 -4.65 20.65
C TYR A 353 1.71 -4.32 20.92
N GLU A 354 1.23 -3.20 20.37
CA GLU A 354 -0.15 -2.77 20.58
C GLU A 354 -1.16 -3.80 20.08
N THR A 355 -1.05 -4.12 18.79
CA THR A 355 -1.96 -5.05 18.18
C THR A 355 -2.01 -6.39 18.92
N THR A 356 -0.86 -7.02 19.17
CA THR A 356 -0.88 -8.30 19.88
C THR A 356 -1.53 -8.19 21.27
N LEU A 357 -1.51 -7.00 21.86
CA LEU A 357 -2.13 -6.84 23.15
C LEU A 357 -3.62 -6.65 22.93
N GLU A 358 -3.97 -5.94 21.86
CA GLU A 358 -5.37 -5.72 21.54
C GLU A 358 -6.04 -7.05 21.29
N LYS A 359 -5.27 -7.99 20.76
CA LYS A 359 -5.78 -9.30 20.46
C LYS A 359 -5.81 -10.19 21.70
N CYS A 360 -4.63 -10.43 22.25
CA CYS A 360 -4.49 -11.27 23.41
C CYS A 360 -5.22 -10.85 24.70
N CYS A 361 -5.04 -9.61 25.13
CA CYS A 361 -5.65 -9.14 26.37
C CYS A 361 -7.07 -9.59 26.65
N ALA A 362 -7.92 -9.58 25.64
CA ALA A 362 -9.30 -9.98 25.87
C ALA A 362 -9.51 -11.47 25.64
N ALA A 363 -8.44 -12.25 25.69
CA ALA A 363 -8.55 -13.70 25.45
C ALA A 363 -8.60 -14.44 26.76
N ALA A 364 -8.82 -15.74 26.66
CA ALA A 364 -8.93 -16.61 27.83
C ALA A 364 -7.67 -16.56 28.65
N ASP A 365 -6.56 -16.96 28.05
CA ASP A 365 -5.25 -16.95 28.72
C ASP A 365 -4.39 -15.88 28.05
N PRO A 366 -4.56 -14.60 28.41
CA PRO A 366 -3.79 -13.52 27.81
C PRO A 366 -2.28 -13.66 27.92
N HIS A 367 -1.83 -13.81 29.17
CA HIS A 367 -0.41 -13.92 29.46
C HIS A 367 0.35 -14.91 28.59
N GLU A 368 -0.33 -15.95 28.13
CA GLU A 368 0.32 -16.96 27.33
C GLU A 368 0.29 -16.62 25.87
N CYS A 369 -0.76 -15.92 25.49
CA CYS A 369 -0.96 -15.50 24.12
C CYS A 369 0.11 -14.49 23.68
N TYR A 370 0.30 -13.44 24.47
CA TYR A 370 1.28 -12.44 24.11
C TYR A 370 2.63 -12.77 24.69
N ALA A 371 2.78 -13.98 25.21
CA ALA A 371 4.03 -14.40 25.84
C ALA A 371 5.20 -14.42 24.88
N LYS A 372 4.89 -14.43 23.61
CA LYS A 372 5.97 -14.48 22.66
C LYS A 372 6.04 -13.23 21.84
N VAL A 373 5.36 -12.18 22.31
CA VAL A 373 5.31 -10.93 21.58
C VAL A 373 6.63 -10.45 21.05
N PHE A 374 7.61 -10.33 21.93
CA PHE A 374 8.91 -9.85 21.48
C PHE A 374 9.48 -10.63 20.30
N ASP A 375 9.08 -11.89 20.17
CA ASP A 375 9.60 -12.69 19.06
C ASP A 375 9.13 -12.15 17.71
N GLU A 376 7.98 -11.49 17.68
CA GLU A 376 7.47 -10.96 16.42
C GLU A 376 8.36 -9.84 15.90
N PHE A 377 9.06 -9.15 16.81
CA PHE A 377 9.91 -8.02 16.43
C PHE A 377 11.06 -8.36 15.50
N LYS A 378 11.67 -9.52 15.73
CA LYS A 378 12.81 -9.97 14.94
C LYS A 378 12.73 -9.73 13.45
N PRO A 379 11.80 -10.41 12.78
CA PRO A 379 11.71 -10.21 11.32
C PRO A 379 11.39 -8.77 10.90
N LEU A 380 10.96 -7.95 11.86
CA LEU A 380 10.61 -6.55 11.61
C LEU A 380 11.86 -5.62 11.66
N VAL A 381 12.78 -5.96 12.54
CA VAL A 381 14.00 -5.19 12.71
C VAL A 381 15.03 -5.58 11.65
N GLU A 382 14.99 -6.83 11.22
CA GLU A 382 15.95 -7.33 10.27
C GLU A 382 15.65 -6.95 8.85
N GLU A 383 14.40 -7.03 8.43
CA GLU A 383 14.03 -6.67 7.06
C GLU A 383 14.76 -5.38 6.65
N PRO A 384 14.61 -4.29 7.44
CA PRO A 384 15.29 -3.04 7.08
C PRO A 384 16.82 -3.13 7.10
N GLN A 385 17.38 -3.78 8.13
CA GLN A 385 18.84 -3.97 8.25
C GLN A 385 19.38 -4.64 6.99
N ASN A 386 18.74 -5.73 6.60
CA ASN A 386 19.15 -6.49 5.42
C ASN A 386 19.03 -5.68 4.15
N LEU A 387 17.89 -5.05 3.93
CA LEU A 387 17.71 -4.25 2.75
C LEU A 387 18.81 -3.16 2.70
N ILE A 388 19.19 -2.64 3.87
CA ILE A 388 20.23 -1.60 3.91
C ILE A 388 21.58 -2.21 3.47
N LYS A 389 22.19 -3.03 4.34
CA LYS A 389 23.47 -3.69 4.05
C LYS A 389 23.59 -4.13 2.60
N GLN A 390 22.49 -4.63 2.05
CA GLN A 390 22.49 -5.10 0.66
C GLN A 390 22.60 -3.87 -0.27
N ASN A 391 21.68 -2.92 -0.11
CA ASN A 391 21.69 -1.72 -0.92
C ASN A 391 22.99 -0.93 -0.81
N CYS A 392 23.54 -0.90 0.39
CA CYS A 392 24.77 -0.19 0.64
C CYS A 392 25.91 -0.82 -0.14
N GLU A 393 25.87 -2.15 -0.26
CA GLU A 393 26.87 -2.89 -1.00
C GLU A 393 26.73 -2.51 -2.46
N LEU A 394 25.52 -2.65 -2.96
CA LEU A 394 25.25 -2.32 -4.35
C LEU A 394 25.77 -0.91 -4.63
N PHE A 395 25.56 0.00 -3.67
CA PHE A 395 26.01 1.37 -3.83
C PHE A 395 27.51 1.50 -3.92
N GLU A 396 28.22 0.71 -3.13
CA GLU A 396 29.67 0.75 -3.11
C GLU A 396 30.25 0.26 -4.41
N GLN A 397 29.51 -0.60 -5.12
CA GLN A 397 29.97 -1.18 -6.38
C GLN A 397 29.56 -0.41 -7.63
N LEU A 398 28.55 0.43 -7.50
CA LEU A 398 28.05 1.17 -8.64
C LEU A 398 28.39 2.66 -8.61
N GLY A 399 28.76 3.17 -7.44
CA GLY A 399 29.06 4.58 -7.33
C GLY A 399 27.72 5.30 -7.34
N GLU A 400 27.68 6.52 -6.82
CA GLU A 400 26.42 7.24 -6.80
C GLU A 400 25.79 7.31 -8.18
N TYR A 401 26.58 7.53 -9.24
CA TYR A 401 25.99 7.63 -10.57
C TYR A 401 25.22 6.41 -11.00
N LYS A 402 25.96 5.32 -11.20
CA LYS A 402 25.35 4.06 -11.61
C LYS A 402 24.31 3.55 -10.60
N PHE A 403 24.35 4.08 -9.39
CA PHE A 403 23.40 3.67 -8.35
C PHE A 403 22.08 4.39 -8.62
N GLN A 404 22.15 5.67 -9.00
CA GLN A 404 20.95 6.43 -9.29
C GLN A 404 20.33 5.86 -10.56
N ASN A 405 21.19 5.42 -11.47
CA ASN A 405 20.76 4.80 -12.72
C ASN A 405 19.91 3.56 -12.42
N ALA A 406 20.40 2.71 -11.53
CA ALA A 406 19.70 1.49 -11.16
C ALA A 406 18.36 1.82 -10.54
N LEU A 407 18.33 2.87 -9.73
CA LEU A 407 17.12 3.31 -9.05
C LEU A 407 16.20 4.06 -10.03
N LEU A 408 16.79 4.65 -11.06
CA LEU A 408 16.01 5.36 -12.06
C LEU A 408 15.09 4.36 -12.73
N VAL A 409 15.67 3.24 -13.15
CA VAL A 409 14.89 2.21 -13.81
C VAL A 409 13.89 1.58 -12.83
N ARG A 410 14.37 1.16 -11.67
CA ARG A 410 13.51 0.52 -10.68
C ARG A 410 12.27 1.37 -10.36
N TYR A 411 12.47 2.68 -10.23
CA TYR A 411 11.34 3.53 -9.92
C TYR A 411 10.58 3.99 -11.14
N THR A 412 11.21 3.98 -12.30
CA THR A 412 10.49 4.38 -13.50
C THR A 412 9.55 3.25 -13.87
N LYS A 413 10.01 2.00 -13.67
CA LYS A 413 9.18 0.84 -13.96
C LYS A 413 8.08 0.65 -12.93
N LYS A 414 8.29 1.19 -11.73
CA LYS A 414 7.31 1.10 -10.66
C LYS A 414 6.12 2.03 -10.93
N VAL A 415 6.41 3.30 -11.21
CA VAL A 415 5.34 4.24 -11.48
C VAL A 415 5.64 5.10 -12.71
N PRO A 416 5.52 4.50 -13.91
CA PRO A 416 5.75 5.09 -15.25
C PRO A 416 4.95 6.37 -15.52
N GLN A 417 3.75 6.41 -14.93
CA GLN A 417 2.84 7.54 -15.08
C GLN A 417 3.42 8.84 -14.54
N VAL A 418 4.46 8.75 -13.71
CA VAL A 418 5.09 9.93 -13.12
C VAL A 418 5.94 10.71 -14.13
N SER A 419 5.94 12.04 -13.99
CA SER A 419 6.68 12.90 -14.89
C SER A 419 8.14 12.48 -14.94
N THR A 420 8.76 12.53 -16.12
CA THR A 420 10.19 12.17 -16.25
C THR A 420 11.05 13.14 -15.42
N PRO A 421 10.84 14.46 -15.59
CA PRO A 421 11.64 15.39 -14.80
C PRO A 421 11.48 15.02 -13.33
N THR A 422 10.25 14.74 -12.93
CA THR A 422 9.96 14.37 -11.55
C THR A 422 10.60 13.04 -11.17
N LEU A 423 10.68 12.11 -12.13
CA LEU A 423 11.29 10.80 -11.85
C LEU A 423 12.78 11.02 -11.60
N VAL A 424 13.43 11.74 -12.51
CA VAL A 424 14.85 12.02 -12.36
C VAL A 424 15.16 12.67 -11.01
N GLU A 425 14.41 13.71 -10.64
CA GLU A 425 14.60 14.38 -9.35
C GLU A 425 14.49 13.44 -8.15
N VAL A 426 13.33 12.82 -8.00
CA VAL A 426 13.12 11.93 -6.87
C VAL A 426 14.14 10.81 -6.85
N SER A 427 14.34 10.16 -7.99
CA SER A 427 15.30 9.06 -8.08
C SER A 427 16.70 9.47 -7.64
N ARG A 428 17.18 10.58 -8.21
CA ARG A 428 18.51 11.11 -7.87
C ARG A 428 18.57 11.38 -6.38
N ASN A 429 17.53 12.00 -5.82
CA ASN A 429 17.51 12.31 -4.39
C ASN A 429 17.50 11.05 -3.58
N LEU A 430 16.75 10.07 -4.04
CA LEU A 430 16.74 8.83 -3.30
C LEU A 430 18.10 8.15 -3.37
N GLY A 431 18.76 8.20 -4.53
CA GLY A 431 20.07 7.59 -4.70
C GLY A 431 21.17 8.24 -3.85
N LYS A 432 20.83 9.43 -3.36
CA LYS A 432 21.74 10.17 -2.50
C LYS A 432 21.67 9.57 -1.11
N VAL A 433 20.71 8.67 -0.87
CA VAL A 433 20.58 8.04 0.44
C VAL A 433 21.73 7.06 0.60
N GLY A 434 22.39 6.75 -0.51
CA GLY A 434 23.49 5.82 -0.47
C GLY A 434 24.77 6.48 0.02
N SER A 435 25.05 7.63 -0.55
CA SER A 435 26.23 8.39 -0.21
C SER A 435 26.13 8.98 1.18
N LYS A 436 24.94 9.43 1.55
CA LYS A 436 24.71 10.05 2.84
C LYS A 436 24.56 9.12 4.03
N CYS A 437 24.29 7.84 3.78
CA CYS A 437 24.12 6.93 4.92
C CYS A 437 24.96 5.66 4.94
N CYS A 438 25.48 5.24 3.79
CA CYS A 438 26.28 4.03 3.79
C CYS A 438 27.62 4.26 4.44
N LYS A 439 28.01 5.53 4.54
CA LYS A 439 29.30 5.86 5.14
C LYS A 439 29.31 5.50 6.61
N HIS A 440 28.14 5.47 7.23
CA HIS A 440 28.07 5.10 8.63
C HIS A 440 27.97 3.61 8.82
N PRO A 441 28.41 3.11 9.97
CA PRO A 441 28.36 1.68 10.28
C PRO A 441 26.91 1.19 10.52
N GLU A 442 26.71 -0.12 10.52
CA GLU A 442 25.38 -0.66 10.69
C GLU A 442 24.73 -0.26 11.98
N ALA A 443 25.33 0.66 12.71
CA ALA A 443 24.76 1.09 13.97
C ALA A 443 24.01 2.39 13.77
N LYS A 444 24.60 3.25 12.97
CA LYS A 444 24.00 4.55 12.72
C LYS A 444 23.32 4.58 11.37
N ARG A 445 23.34 3.46 10.67
CA ARG A 445 22.75 3.41 9.34
C ARG A 445 21.23 3.54 9.24
N MET A 446 20.49 2.57 9.75
CA MET A 446 19.04 2.60 9.66
C MET A 446 18.41 3.93 10.03
N PRO A 447 18.73 4.45 11.22
CA PRO A 447 18.09 5.72 11.52
C PRO A 447 18.45 6.80 10.50
N CYS A 448 19.68 6.74 10.01
CA CYS A 448 20.13 7.72 9.04
C CYS A 448 19.32 7.59 7.77
N ALA A 449 19.48 6.43 7.14
CA ALA A 449 18.83 6.12 5.87
C ALA A 449 17.32 6.23 5.87
N GLU A 450 16.68 5.29 6.56
CA GLU A 450 15.24 5.24 6.59
C GLU A 450 14.55 6.53 6.98
N ASP A 451 15.18 7.35 7.81
CA ASP A 451 14.52 8.57 8.20
C ASP A 451 14.70 9.63 7.14
N TYR A 452 15.78 9.51 6.37
CA TYR A 452 16.07 10.45 5.28
C TYR A 452 15.10 10.13 4.13
N LEU A 453 14.98 8.83 3.84
CA LEU A 453 14.09 8.36 2.80
C LEU A 453 12.66 8.79 3.11
N SER A 454 12.28 8.81 4.40
CA SER A 454 10.95 9.25 4.81
C SER A 454 10.70 10.64 4.24
N VAL A 455 11.72 11.49 4.41
CA VAL A 455 11.67 12.86 3.95
C VAL A 455 11.56 12.95 2.45
N VAL A 456 12.42 12.24 1.73
CA VAL A 456 12.36 12.27 0.27
C VAL A 456 11.03 11.73 -0.22
N LEU A 457 10.54 10.66 0.42
CA LEU A 457 9.29 10.05 0.06
C LEU A 457 8.15 11.00 0.36
N ASN A 458 8.19 11.68 1.51
CA ASN A 458 7.14 12.63 1.84
C ASN A 458 7.11 13.69 0.78
N GLN A 459 8.29 14.16 0.39
CA GLN A 459 8.41 15.17 -0.65
C GLN A 459 7.73 14.69 -1.94
N LEU A 460 7.92 13.41 -2.24
CA LEU A 460 7.32 12.76 -3.42
C LEU A 460 5.82 12.90 -3.33
N CYS A 461 5.27 12.40 -2.23
CA CYS A 461 3.85 12.48 -1.96
C CYS A 461 3.25 13.89 -2.09
N VAL A 462 3.76 14.83 -1.30
CA VAL A 462 3.22 16.18 -1.35
C VAL A 462 3.35 16.75 -2.77
N LEU A 463 4.31 16.25 -3.54
CA LEU A 463 4.51 16.72 -4.91
C LEU A 463 3.50 16.04 -5.86
N HIS A 464 3.11 14.81 -5.53
CA HIS A 464 2.18 13.99 -6.31
C HIS A 464 0.75 14.40 -6.01
N GLU A 465 0.56 14.88 -4.79
CA GLU A 465 -0.75 15.32 -4.34
C GLU A 465 -1.31 16.33 -5.32
N LYS A 466 -0.51 17.34 -5.68
CA LYS A 466 -0.96 18.37 -6.62
C LYS A 466 -1.53 17.73 -7.88
N THR A 467 -0.68 17.12 -8.71
CA THR A 467 -1.15 16.47 -9.93
C THR A 467 -0.95 14.94 -9.86
N PRO A 468 -1.88 14.22 -9.21
CA PRO A 468 -1.77 12.76 -9.08
C PRO A 468 -1.79 12.03 -10.42
N VAL A 469 -0.87 11.10 -10.61
CA VAL A 469 -0.82 10.35 -11.87
C VAL A 469 -0.73 8.84 -11.65
N SER A 470 -0.78 8.44 -10.38
CA SER A 470 -0.73 7.03 -10.05
C SER A 470 -1.41 6.77 -8.73
N ASP A 471 -2.38 5.87 -8.75
CA ASP A 471 -3.14 5.54 -7.56
C ASP A 471 -2.25 4.77 -6.59
N ARG A 472 -1.22 4.11 -7.12
CA ARG A 472 -0.31 3.34 -6.28
C ARG A 472 0.47 4.29 -5.37
N VAL A 473 0.84 5.46 -5.89
CA VAL A 473 1.61 6.49 -5.18
C VAL A 473 0.71 7.04 -4.09
N THR A 474 -0.50 7.46 -4.50
CA THR A 474 -1.49 8.00 -3.60
C THR A 474 -1.82 7.01 -2.49
N LYS A 475 -1.79 5.72 -2.82
CA LYS A 475 -2.06 4.69 -1.82
C LYS A 475 -1.01 4.81 -0.74
N CYS A 476 0.22 4.49 -1.11
CA CYS A 476 1.35 4.54 -0.20
C CYS A 476 1.43 5.84 0.57
N CYS A 477 1.23 6.95 -0.13
CA CYS A 477 1.26 8.25 0.52
C CYS A 477 0.20 8.49 1.59
N THR A 478 -1.02 8.04 1.33
CA THR A 478 -2.13 8.22 2.28
C THR A 478 -2.20 7.16 3.35
N GLU A 479 -1.72 5.96 3.06
CA GLU A 479 -1.75 4.90 4.04
C GLU A 479 -0.89 5.28 5.26
N SER A 480 -0.38 4.28 5.95
CA SER A 480 0.43 4.56 7.11
C SER A 480 1.60 5.48 6.76
N LEU A 481 1.82 6.47 7.61
CA LEU A 481 2.91 7.41 7.41
C LEU A 481 4.26 6.75 7.67
N VAL A 482 4.26 5.80 8.63
CA VAL A 482 5.43 5.03 9.05
C VAL A 482 5.89 4.02 8.03
N ASN A 483 4.95 3.43 7.32
CA ASN A 483 5.30 2.41 6.37
C ASN A 483 5.43 2.92 4.94
N ARG A 484 5.50 4.22 4.74
CA ARG A 484 5.64 4.74 3.37
C ARG A 484 6.86 4.15 2.65
N ARG A 485 7.98 4.01 3.35
CA ARG A 485 9.18 3.48 2.74
C ARG A 485 8.80 2.08 2.20
N PRO A 486 8.58 1.08 3.10
CA PRO A 486 8.22 -0.29 2.73
C PRO A 486 7.17 -0.41 1.61
N CYS A 487 6.16 0.44 1.69
CA CYS A 487 5.06 0.49 0.74
C CYS A 487 5.57 0.86 -0.65
N PHE A 488 6.51 1.81 -0.70
CA PHE A 488 7.08 2.24 -1.98
C PHE A 488 8.06 1.23 -2.56
N SER A 489 8.92 0.71 -1.70
CA SER A 489 9.88 -0.27 -2.14
C SER A 489 9.10 -1.51 -2.54
N ALA A 490 7.96 -1.76 -1.87
CA ALA A 490 7.11 -2.92 -2.16
C ALA A 490 6.71 -2.99 -3.66
N LEU A 491 6.00 -1.97 -4.15
CA LEU A 491 5.55 -1.87 -5.53
C LEU A 491 6.36 -2.73 -6.46
N GLU A 492 5.69 -3.24 -7.49
CA GLU A 492 6.38 -4.04 -8.48
C GLU A 492 6.13 -3.42 -9.85
N VAL A 493 6.78 -3.97 -10.88
CA VAL A 493 6.69 -3.49 -12.25
C VAL A 493 5.25 -3.23 -12.66
N ASP A 494 5.00 -2.09 -13.29
CA ASP A 494 3.64 -1.77 -13.73
C ASP A 494 3.50 -2.31 -15.15
N GLU A 495 2.86 -3.49 -15.28
CA GLU A 495 2.66 -4.13 -16.59
C GLU A 495 1.56 -3.45 -17.42
N THR A 496 0.69 -2.71 -16.74
CA THR A 496 -0.40 -1.97 -17.37
C THR A 496 0.19 -0.95 -18.36
N TYR A 497 0.80 0.10 -17.80
CA TYR A 497 1.41 1.18 -18.56
C TYR A 497 1.69 0.85 -20.03
N VAL A 498 1.44 1.84 -20.88
CA VAL A 498 1.66 1.72 -22.33
C VAL A 498 2.84 2.58 -22.76
N PRO A 499 3.71 2.05 -23.63
CA PRO A 499 4.89 2.77 -24.13
C PRO A 499 4.67 4.25 -24.52
N LYS A 500 5.56 5.15 -24.09
CA LYS A 500 5.46 6.61 -24.38
C LYS A 500 5.87 6.92 -25.82
N GLU A 501 5.48 6.05 -26.74
CA GLU A 501 5.78 6.32 -28.13
C GLU A 501 7.28 6.19 -28.41
N PHE A 502 7.79 7.18 -29.14
CA PHE A 502 9.20 7.27 -29.50
C PHE A 502 9.47 8.55 -30.28
N ASN A 503 9.74 9.63 -29.56
CA ASN A 503 10.04 10.90 -30.22
C ASN A 503 11.54 10.89 -30.55
N ALA A 504 11.85 10.70 -31.83
CA ALA A 504 13.26 10.65 -32.26
C ALA A 504 14.09 11.89 -31.91
N GLU A 505 13.44 12.94 -31.41
CA GLU A 505 14.13 14.17 -30.99
C GLU A 505 14.49 14.07 -29.50
N THR A 506 13.83 13.13 -28.80
CA THR A 506 14.05 12.86 -27.37
C THR A 506 15.35 12.08 -27.20
N PHE A 507 15.76 11.37 -28.25
CA PHE A 507 17.01 10.60 -28.23
C PHE A 507 18.07 11.23 -29.13
N THR A 508 17.96 12.53 -29.39
CA THR A 508 18.93 13.25 -30.22
C THR A 508 19.68 14.33 -29.45
N PHE A 509 20.94 14.05 -29.13
CA PHE A 509 21.79 14.98 -28.39
C PHE A 509 22.38 16.08 -29.28
N HIS A 510 22.68 17.22 -28.67
CA HIS A 510 23.25 18.37 -29.38
C HIS A 510 24.56 18.86 -28.77
N ALA A 511 25.17 19.82 -29.46
CA ALA A 511 26.45 20.42 -29.06
C ALA A 511 26.39 21.00 -27.64
N ASP A 512 25.36 21.80 -27.38
CA ASP A 512 25.19 22.44 -26.07
C ASP A 512 25.46 21.49 -24.89
N ILE A 513 25.40 20.18 -25.12
CA ILE A 513 25.62 19.23 -24.05
C ILE A 513 27.06 19.23 -23.59
N CYS A 514 27.95 19.47 -24.55
CA CYS A 514 29.39 19.48 -24.30
C CYS A 514 29.96 20.62 -23.46
N THR A 515 29.13 21.54 -23.00
CA THR A 515 29.67 22.63 -22.20
C THR A 515 29.07 22.62 -20.82
N LEU A 516 28.34 21.55 -20.52
CA LEU A 516 27.72 21.41 -19.22
C LEU A 516 28.68 20.69 -18.29
N SER A 517 28.46 20.84 -16.99
CA SER A 517 29.28 20.17 -15.97
C SER A 517 28.96 18.70 -16.10
N GLU A 518 29.75 17.86 -15.45
CA GLU A 518 29.49 16.45 -15.53
C GLU A 518 28.16 16.17 -14.85
N LYS A 519 27.80 16.93 -13.82
CA LYS A 519 26.55 16.65 -13.14
C LYS A 519 25.36 16.87 -14.03
N GLU A 520 25.40 17.95 -14.79
CA GLU A 520 24.32 18.30 -15.71
C GLU A 520 24.20 17.24 -16.78
N ARG A 521 25.35 16.86 -17.32
CA ARG A 521 25.47 15.87 -18.37
C ARG A 521 24.87 14.56 -17.88
N GLN A 522 25.05 14.28 -16.58
CA GLN A 522 24.50 13.04 -16.02
C GLN A 522 22.99 13.15 -15.99
N ILE A 523 22.48 14.31 -15.60
CA ILE A 523 21.04 14.53 -15.55
C ILE A 523 20.45 14.34 -16.94
N LYS A 524 21.14 14.90 -17.94
CA LYS A 524 20.69 14.79 -19.33
C LYS A 524 20.53 13.32 -19.72
N LYS A 525 21.51 12.50 -19.37
CA LYS A 525 21.45 11.09 -19.68
C LYS A 525 20.33 10.40 -18.91
N GLN A 526 20.33 10.56 -17.58
CA GLN A 526 19.32 9.93 -16.70
C GLN A 526 17.93 10.25 -17.20
N THR A 527 17.77 11.45 -17.75
CA THR A 527 16.48 11.87 -18.29
C THR A 527 16.14 10.98 -19.49
N ALA A 528 17.09 10.87 -20.40
CA ALA A 528 16.91 10.06 -21.59
C ALA A 528 16.67 8.62 -21.21
N LEU A 529 17.28 8.19 -20.10
CA LEU A 529 17.11 6.80 -19.66
C LEU A 529 15.68 6.58 -19.24
N VAL A 530 15.12 7.52 -18.49
CA VAL A 530 13.74 7.39 -18.05
C VAL A 530 12.88 7.22 -19.28
N GLU A 531 13.11 8.07 -20.29
CA GLU A 531 12.34 7.99 -21.50
C GLU A 531 12.49 6.62 -22.14
N LEU A 532 13.71 6.13 -22.22
CA LEU A 532 13.96 4.83 -22.81
C LEU A 532 13.15 3.75 -22.11
N VAL A 533 13.01 3.86 -20.80
CA VAL A 533 12.25 2.89 -20.04
C VAL A 533 10.78 3.07 -20.37
N LYS A 534 10.34 4.33 -20.47
CA LYS A 534 8.93 4.59 -20.78
C LYS A 534 8.54 4.05 -22.15
N HIS A 535 9.48 4.08 -23.11
CA HIS A 535 9.22 3.63 -24.47
C HIS A 535 9.43 2.14 -24.65
N LYS A 536 10.02 1.49 -23.65
CA LYS A 536 10.27 0.05 -23.70
C LYS A 536 10.46 -0.59 -22.33
N PRO A 537 9.44 -0.53 -21.45
CA PRO A 537 9.50 -1.12 -20.10
C PRO A 537 9.44 -2.63 -20.12
N LYS A 538 8.55 -3.19 -19.30
CA LYS A 538 8.34 -4.64 -19.24
C LYS A 538 9.57 -5.44 -19.68
N ALA A 539 9.69 -5.64 -21.01
CA ALA A 539 10.80 -6.33 -21.61
C ALA A 539 12.04 -5.42 -21.78
N THR A 540 12.95 -5.52 -20.80
CA THR A 540 14.24 -4.79 -20.75
C THR A 540 14.90 -4.96 -19.40
N LYS A 541 16.07 -5.58 -19.41
CA LYS A 541 16.82 -5.82 -18.18
C LYS A 541 18.10 -4.99 -18.23
N GLU A 542 19.25 -5.64 -18.06
CA GLU A 542 20.50 -4.91 -18.13
C GLU A 542 20.85 -4.58 -19.57
N GLN A 543 19.86 -4.64 -20.47
CA GLN A 543 20.08 -4.31 -21.87
C GLN A 543 19.96 -2.81 -22.00
N LEU A 544 19.47 -2.20 -20.93
CA LEU A 544 19.34 -0.75 -20.87
C LEU A 544 20.74 -0.30 -20.44
N LYS A 545 21.35 -1.06 -19.52
CA LYS A 545 22.70 -0.81 -19.01
C LYS A 545 23.68 -0.80 -20.20
N ALA A 546 23.26 -1.42 -21.30
CA ALA A 546 24.06 -1.50 -22.52
C ALA A 546 23.90 -0.25 -23.36
N VAL A 547 22.68 0.30 -23.34
CA VAL A 547 22.39 1.52 -24.08
C VAL A 547 22.85 2.74 -23.28
N MET A 548 22.84 2.58 -21.97
CA MET A 548 23.26 3.66 -21.09
C MET A 548 24.76 3.85 -21.23
N ASP A 549 25.49 2.75 -21.37
CA ASP A 549 26.94 2.82 -21.53
C ASP A 549 27.30 3.29 -22.93
N ASP A 550 26.39 3.09 -23.87
CA ASP A 550 26.60 3.48 -25.25
C ASP A 550 26.39 5.00 -25.45
N PHE A 551 25.56 5.58 -24.60
CA PHE A 551 25.30 7.02 -24.67
C PHE A 551 26.46 7.79 -24.06
N ALA A 552 27.04 7.24 -22.98
CA ALA A 552 28.16 7.87 -22.29
C ALA A 552 29.38 7.88 -23.20
N ALA A 553 29.63 6.74 -23.84
CA ALA A 553 30.77 6.66 -24.75
C ALA A 553 30.49 7.46 -26.03
N PHE A 554 29.25 7.43 -26.49
CA PHE A 554 28.83 8.12 -27.71
C PHE A 554 28.90 9.64 -27.57
N VAL A 555 28.67 10.13 -26.36
CA VAL A 555 28.74 11.56 -26.07
C VAL A 555 30.22 11.92 -25.88
N GLU A 556 30.94 11.08 -25.14
CA GLU A 556 32.36 11.32 -24.89
C GLU A 556 33.12 11.55 -26.18
N LYS A 557 32.81 10.75 -27.20
CA LYS A 557 33.45 10.84 -28.51
C LYS A 557 33.08 12.14 -29.23
N CYS A 558 31.78 12.36 -29.39
CA CYS A 558 31.30 13.54 -30.08
C CYS A 558 31.78 14.88 -29.49
N CYS A 559 31.95 14.94 -28.17
CA CYS A 559 32.41 16.18 -27.53
C CYS A 559 33.91 16.42 -27.74
N LYS A 560 34.55 15.51 -28.49
CA LYS A 560 35.99 15.59 -28.81
C LYS A 560 36.24 15.24 -30.29
N ALA A 561 35.20 15.35 -31.11
CA ALA A 561 35.31 15.02 -32.53
C ALA A 561 35.67 16.19 -33.44
N ASP A 562 36.26 17.25 -32.89
CA ASP A 562 36.64 18.42 -33.68
C ASP A 562 35.37 18.84 -34.41
N ASP A 563 34.27 18.37 -33.83
CA ASP A 563 32.93 18.58 -34.29
C ASP A 563 32.55 20.04 -34.64
N LYS A 564 31.64 20.21 -35.60
CA LYS A 564 31.10 21.51 -36.03
C LYS A 564 29.56 21.33 -35.94
N GLU A 565 29.14 20.75 -34.81
CA GLU A 565 27.74 20.40 -34.51
C GLU A 565 27.35 19.10 -35.21
N THR A 566 28.24 18.61 -36.07
CA THR A 566 28.08 17.39 -36.91
C THR A 566 27.98 16.04 -36.21
N CYS A 567 29.03 15.63 -35.49
CA CYS A 567 29.06 14.34 -34.80
C CYS A 567 27.72 14.02 -34.15
N PHE A 568 27.12 15.03 -33.52
CA PHE A 568 25.83 14.86 -32.86
C PHE A 568 24.61 14.97 -33.78
N ALA A 569 24.69 15.84 -34.79
CA ALA A 569 23.59 16.06 -35.73
C ALA A 569 23.21 14.84 -36.56
N GLU A 570 24.18 14.32 -37.31
CA GLU A 570 23.99 13.14 -38.18
C GLU A 570 23.80 11.83 -37.40
N GLU A 571 24.68 11.60 -36.43
CA GLU A 571 24.65 10.42 -35.59
C GLU A 571 23.58 10.59 -34.54
N GLY A 572 22.53 11.32 -34.91
CA GLY A 572 21.44 11.57 -34.01
C GLY A 572 20.07 11.22 -34.56
N LYS A 573 19.62 11.93 -35.58
CA LYS A 573 18.32 11.66 -36.20
C LYS A 573 18.37 10.42 -37.10
N LYS A 574 19.54 9.81 -37.21
CA LYS A 574 19.74 8.62 -38.03
C LYS A 574 20.43 7.48 -37.27
N LEU A 575 21.16 7.81 -36.22
CA LEU A 575 21.86 6.80 -35.42
C LEU A 575 20.92 6.16 -34.39
N VAL A 576 19.73 6.75 -34.24
CA VAL A 576 18.73 6.26 -33.30
C VAL A 576 18.36 4.79 -33.55
N ALA A 577 17.92 4.47 -34.77
CA ALA A 577 17.54 3.11 -35.15
C ALA A 577 18.74 2.16 -35.13
N ALA A 578 19.95 2.73 -35.20
CA ALA A 578 21.16 1.91 -35.17
C ALA A 578 21.06 1.11 -33.89
N SER A 579 21.04 1.84 -32.78
CA SER A 579 20.95 1.30 -31.43
C SER A 579 19.53 0.81 -31.05
N GLN A 580 18.54 1.31 -31.78
CA GLN A 580 17.12 0.98 -31.59
C GLN A 580 16.78 -0.26 -32.42
N ALA A 581 17.76 -1.15 -32.55
CA ALA A 581 17.56 -2.39 -33.29
C ALA A 581 17.11 -3.39 -32.25
N ALA A 582 17.50 -3.14 -31.00
CA ALA A 582 17.12 -4.02 -29.91
C ALA A 582 15.91 -3.39 -29.23
N LEU A 583 15.93 -2.15 -29.06
N GLU B 1 -28.06 -16.36 14.21
CA GLU B 1 -29.13 -16.79 15.17
C GLU B 1 -29.60 -18.17 14.76
N VAL B 2 -30.19 -18.22 13.57
CA VAL B 2 -30.73 -19.43 12.99
C VAL B 2 -29.91 -19.86 11.80
N GLN B 3 -29.23 -21.00 11.92
CA GLN B 3 -28.42 -21.50 10.82
C GLN B 3 -28.44 -23.03 10.80
N LEU B 4 -28.40 -23.57 9.58
CA LEU B 4 -28.43 -25.00 9.37
C LEU B 4 -27.02 -25.61 9.31
N LEU B 5 -26.84 -26.65 10.10
CA LEU B 5 -25.57 -27.38 10.19
C LEU B 5 -25.73 -28.77 9.62
N GLU B 6 -25.05 -28.98 8.51
CA GLU B 6 -25.08 -30.26 7.86
C GLU B 6 -23.82 -31.01 8.21
N SER B 7 -23.74 -32.25 7.74
CA SER B 7 -22.58 -33.09 7.95
C SER B 7 -22.97 -34.50 7.52
N GLY B 8 -21.96 -35.32 7.29
CA GLY B 8 -22.20 -36.68 6.86
C GLY B 8 -21.76 -36.89 5.43
N GLY B 9 -21.20 -35.84 4.82
CA GLY B 9 -20.76 -35.90 3.44
C GLY B 9 -19.28 -36.16 3.32
N GLY B 10 -18.90 -36.91 2.29
CA GLY B 10 -17.51 -37.25 2.09
C GLY B 10 -17.28 -38.10 0.86
N LEU B 11 -16.27 -38.96 0.93
CA LEU B 11 -15.91 -39.84 -0.19
C LEU B 11 -16.74 -41.10 -0.17
N VAL B 12 -17.42 -41.37 -1.27
CA VAL B 12 -18.26 -42.56 -1.36
C VAL B 12 -17.91 -43.42 -2.55
N GLN B 13 -17.97 -44.74 -2.36
CA GLN B 13 -17.70 -45.70 -3.42
C GLN B 13 -18.97 -45.92 -4.22
N PRO B 14 -18.86 -45.87 -5.57
CA PRO B 14 -20.01 -46.06 -6.46
C PRO B 14 -20.92 -47.19 -5.96
N GLY B 15 -22.22 -47.01 -6.09
CA GLY B 15 -23.14 -48.04 -5.63
C GLY B 15 -23.18 -48.06 -4.12
N GLY B 16 -22.42 -47.16 -3.51
CA GLY B 16 -22.38 -47.08 -2.05
C GLY B 16 -23.62 -46.43 -1.48
N SER B 17 -23.63 -46.24 -0.17
CA SER B 17 -24.77 -45.63 0.49
C SER B 17 -24.28 -44.63 1.55
N LEU B 18 -24.96 -43.48 1.63
CA LEU B 18 -24.59 -42.38 2.55
C LEU B 18 -25.79 -41.65 3.13
N ARG B 19 -25.62 -41.13 4.35
CA ARG B 19 -26.73 -40.39 4.96
C ARG B 19 -26.29 -39.02 5.47
N LEU B 20 -26.71 -37.98 4.77
CA LEU B 20 -26.40 -36.61 5.14
C LEU B 20 -27.45 -36.20 6.15
N SER B 21 -27.05 -35.47 7.18
CA SER B 21 -28.00 -35.03 8.18
C SER B 21 -27.92 -33.53 8.25
N CYS B 22 -28.99 -32.94 8.75
CA CYS B 22 -29.05 -31.50 8.86
C CYS B 22 -29.67 -31.17 10.19
N ALA B 23 -28.93 -30.47 11.03
CA ALA B 23 -29.48 -30.11 12.32
C ALA B 23 -29.49 -28.59 12.38
N VAL B 24 -30.60 -28.03 12.82
CA VAL B 24 -30.68 -26.58 12.94
C VAL B 24 -30.51 -26.12 14.38
N SER B 25 -29.85 -24.97 14.54
CA SER B 25 -29.59 -24.39 15.85
C SER B 25 -30.10 -22.95 15.88
N GLY B 26 -31.04 -22.66 16.78
CA GLY B 26 -31.56 -21.31 16.85
C GLY B 26 -33.05 -21.20 16.59
N ILE B 27 -33.62 -22.25 16.01
CA ILE B 27 -35.05 -22.29 15.74
C ILE B 27 -35.64 -23.67 15.97
N ASP B 28 -36.95 -23.73 15.86
CA ASP B 28 -37.71 -24.95 16.06
C ASP B 28 -37.52 -25.94 14.92
N LEU B 29 -37.82 -25.50 13.70
CA LEU B 29 -37.71 -26.33 12.49
C LEU B 29 -38.82 -27.39 12.34
N SER B 30 -39.47 -27.75 13.44
CA SER B 30 -40.52 -28.74 13.42
C SER B 30 -41.77 -28.27 12.69
N ASN B 31 -41.88 -26.96 12.52
CA ASN B 31 -43.03 -26.36 11.83
C ASN B 31 -42.73 -25.94 10.39
N TYR B 32 -41.51 -26.25 9.95
CA TYR B 32 -41.05 -25.87 8.64
C TYR B 32 -40.69 -27.02 7.75
N ALA B 33 -40.76 -26.75 6.45
CA ALA B 33 -40.46 -27.73 5.43
C ALA B 33 -39.02 -27.52 5.00
N ILE B 34 -38.27 -28.61 4.98
CA ILE B 34 -36.88 -28.57 4.59
C ILE B 34 -36.63 -29.26 3.26
N ASN B 35 -35.84 -28.60 2.41
CA ASN B 35 -35.47 -29.09 1.08
C ASN B 35 -34.02 -29.54 1.04
N TRP B 36 -33.67 -30.20 -0.05
CA TRP B 36 -32.29 -30.66 -0.24
C TRP B 36 -31.89 -30.27 -1.63
N VAL B 37 -30.82 -29.52 -1.77
CA VAL B 37 -30.35 -29.08 -3.09
C VAL B 37 -28.90 -29.42 -3.25
N ARG B 38 -28.50 -29.95 -4.39
CA ARG B 38 -27.11 -30.26 -4.59
C ARG B 38 -26.56 -29.44 -5.73
N GLN B 39 -25.25 -29.50 -5.94
CA GLN B 39 -24.62 -28.73 -7.00
C GLN B 39 -23.24 -29.29 -7.31
N ALA B 40 -23.16 -29.96 -8.45
CA ALA B 40 -21.91 -30.56 -8.87
C ALA B 40 -20.86 -29.47 -9.06
N PRO B 41 -19.59 -29.81 -8.85
CA PRO B 41 -18.49 -28.86 -9.00
C PRO B 41 -18.56 -28.16 -10.34
N GLY B 42 -18.73 -26.84 -10.30
CA GLY B 42 -18.79 -26.06 -11.53
C GLY B 42 -20.15 -25.95 -12.20
N LYS B 43 -21.09 -26.77 -11.75
CA LYS B 43 -22.42 -26.75 -12.31
C LYS B 43 -23.32 -25.87 -11.47
N GLY B 44 -24.61 -25.92 -11.77
CA GLY B 44 -25.56 -25.11 -11.04
C GLY B 44 -26.28 -25.88 -9.95
N LEU B 45 -27.39 -25.30 -9.53
CA LEU B 45 -28.20 -25.87 -8.47
C LEU B 45 -29.19 -26.92 -8.96
N GLU B 46 -29.37 -27.98 -8.17
CA GLU B 46 -30.30 -29.03 -8.53
C GLU B 46 -31.13 -29.46 -7.33
N TRP B 47 -32.40 -29.09 -7.34
CA TRP B 47 -33.32 -29.47 -6.27
C TRP B 47 -33.52 -30.98 -6.24
N ILE B 48 -33.48 -31.55 -5.05
CA ILE B 48 -33.63 -32.99 -4.87
C ILE B 48 -35.02 -33.40 -4.34
N GLY B 49 -35.26 -33.17 -3.06
CA GLY B 49 -36.53 -33.54 -2.47
C GLY B 49 -36.85 -32.61 -1.31
N ILE B 50 -38.02 -32.80 -0.70
CA ILE B 50 -38.43 -31.96 0.42
C ILE B 50 -39.23 -32.75 1.43
N ILE B 51 -39.23 -32.26 2.66
CA ILE B 51 -40.01 -32.88 3.74
C ILE B 51 -40.75 -31.79 4.52
N TRP B 52 -42.07 -31.88 4.55
CA TRP B 52 -42.83 -30.87 5.26
C TRP B 52 -42.77 -31.07 6.78
N ALA B 53 -43.43 -30.17 7.50
CA ALA B 53 -43.49 -30.24 8.97
C ALA B 53 -44.02 -31.64 9.34
N SER B 54 -45.04 -32.07 8.60
CA SER B 54 -45.62 -33.40 8.76
C SER B 54 -44.59 -34.33 8.11
N GLY B 55 -44.94 -35.60 7.97
CA GLY B 55 -43.95 -36.49 7.38
C GLY B 55 -43.84 -36.52 5.89
N THR B 56 -44.86 -36.00 5.20
CA THR B 56 -44.95 -35.98 3.75
C THR B 56 -43.65 -35.52 3.07
N THR B 57 -43.19 -36.30 2.11
CA THR B 57 -41.97 -36.00 1.37
C THR B 57 -42.16 -36.13 -0.12
N PHE B 58 -41.66 -35.13 -0.84
CA PHE B 58 -41.76 -35.12 -2.29
C PHE B 58 -40.33 -35.12 -2.81
N TYR B 59 -40.10 -35.78 -3.95
CA TYR B 59 -38.77 -35.87 -4.56
C TYR B 59 -38.76 -35.46 -6.03
N ALA B 60 -37.61 -35.01 -6.50
CA ALA B 60 -37.48 -34.65 -7.89
C ALA B 60 -37.67 -36.00 -8.56
N THR B 61 -38.08 -35.97 -9.83
CA THR B 61 -38.29 -37.19 -10.58
C THR B 61 -37.06 -38.07 -10.50
N TRP B 62 -35.95 -37.55 -11.02
CA TRP B 62 -34.66 -38.25 -11.06
C TRP B 62 -34.13 -38.80 -9.74
N ALA B 63 -34.43 -38.11 -8.65
CA ALA B 63 -33.96 -38.53 -7.33
C ALA B 63 -34.74 -39.67 -6.68
N LYS B 64 -36.07 -39.61 -6.77
CA LYS B 64 -36.91 -40.61 -6.15
C LYS B 64 -36.37 -42.01 -6.43
N GLY B 65 -36.08 -42.73 -5.36
CA GLY B 65 -35.58 -44.07 -5.53
C GLY B 65 -34.20 -44.22 -4.94
N ARG B 66 -33.32 -43.22 -5.12
CA ARG B 66 -31.97 -43.29 -4.58
C ARG B 66 -31.82 -42.42 -3.32
N PHE B 67 -32.49 -41.27 -3.30
CA PHE B 67 -32.45 -40.35 -2.17
C PHE B 67 -33.70 -40.44 -1.31
N THR B 68 -33.55 -40.30 0.01
CA THR B 68 -34.67 -40.39 0.95
C THR B 68 -34.64 -39.49 2.17
N ILE B 69 -35.34 -38.37 2.09
CA ILE B 69 -35.39 -37.44 3.20
C ILE B 69 -36.20 -37.96 4.39
N SER B 70 -35.76 -37.63 5.60
CA SER B 70 -36.44 -38.05 6.82
C SER B 70 -36.12 -37.11 7.95
N ARG B 71 -37.06 -36.93 8.86
CA ARG B 71 -36.86 -36.01 9.97
C ARG B 71 -37.04 -36.61 11.34
N ASP B 72 -36.07 -36.34 12.20
CA ASP B 72 -36.07 -36.80 13.58
C ASP B 72 -36.39 -35.61 14.48
N ASN B 73 -37.69 -35.33 14.60
CA ASN B 73 -38.15 -34.18 15.38
C ASN B 73 -37.90 -34.24 16.87
N SER B 74 -37.54 -35.41 17.38
CA SER B 74 -37.24 -35.51 18.79
C SER B 74 -35.81 -35.02 18.97
N LYS B 75 -35.14 -34.74 17.85
CA LYS B 75 -33.75 -34.30 17.89
C LYS B 75 -33.47 -33.09 17.03
N ASN B 76 -34.51 -32.55 16.41
CA ASN B 76 -34.36 -31.40 15.55
C ASN B 76 -33.32 -31.64 14.44
N THR B 77 -33.51 -32.71 13.68
CA THR B 77 -32.60 -33.05 12.58
C THR B 77 -33.26 -33.79 11.40
N VAL B 78 -33.02 -33.27 10.21
CA VAL B 78 -33.54 -33.77 8.94
C VAL B 78 -32.44 -34.47 8.20
N TYR B 79 -32.64 -35.73 7.79
CA TYR B 79 -31.60 -36.43 7.08
C TYR B 79 -31.93 -36.61 5.61
N LEU B 80 -30.92 -37.02 4.85
CA LEU B 80 -31.06 -37.26 3.42
C LEU B 80 -30.32 -38.54 3.08
N GLN B 81 -31.04 -39.66 2.94
CA GLN B 81 -30.44 -40.96 2.61
C GLN B 81 -30.05 -41.17 1.12
N MET B 82 -28.75 -41.29 0.83
CA MET B 82 -28.27 -41.50 -0.54
C MET B 82 -27.84 -42.96 -0.79
N ASN B 83 -28.59 -43.69 -1.61
CA ASN B 83 -28.31 -45.11 -1.93
C ASN B 83 -27.86 -45.29 -3.38
N SER B 84 -27.19 -46.38 -3.68
CA SER B 84 -26.74 -46.63 -5.05
C SER B 84 -26.11 -45.41 -5.74
N LEU B 85 -25.28 -44.72 -4.98
CA LEU B 85 -24.61 -43.52 -5.47
C LEU B 85 -23.79 -43.72 -6.72
N ARG B 86 -23.88 -42.76 -7.61
CA ARG B 86 -23.16 -42.80 -8.87
C ARG B 86 -22.12 -41.68 -8.91
N ALA B 87 -21.19 -41.76 -9.84
CA ALA B 87 -20.17 -40.75 -9.92
C ALA B 87 -20.78 -39.37 -10.13
N GLU B 88 -21.97 -39.33 -10.71
CA GLU B 88 -22.65 -38.06 -11.02
C GLU B 88 -23.35 -37.47 -9.84
N ASP B 89 -23.23 -38.16 -8.71
CA ASP B 89 -23.82 -37.70 -7.46
C ASP B 89 -22.84 -36.75 -6.77
N THR B 90 -21.58 -36.74 -7.20
CA THR B 90 -20.62 -35.83 -6.58
C THR B 90 -21.13 -34.41 -6.77
N ALA B 91 -21.40 -33.77 -5.64
CA ALA B 91 -21.90 -32.41 -5.63
C ALA B 91 -21.96 -31.93 -4.17
N VAL B 92 -21.99 -30.61 -3.99
CA VAL B 92 -22.07 -29.99 -2.67
C VAL B 92 -23.54 -30.06 -2.30
N TYR B 93 -23.87 -30.84 -1.29
CA TYR B 93 -25.28 -30.97 -0.92
C TYR B 93 -25.78 -29.99 0.12
N TYR B 94 -26.76 -29.16 -0.26
CA TYR B 94 -27.33 -28.19 0.63
C TYR B 94 -28.65 -28.62 1.26
N CYS B 95 -28.90 -28.07 2.43
CA CYS B 95 -30.08 -28.33 3.21
C CYS B 95 -30.72 -26.95 3.34
N ALA B 96 -31.82 -26.70 2.64
CA ALA B 96 -32.47 -25.39 2.72
C ALA B 96 -33.92 -25.46 3.16
N ARG B 97 -34.37 -24.45 3.89
CA ARG B 97 -35.75 -24.41 4.36
C ARG B 97 -36.62 -23.59 3.41
N THR B 98 -37.87 -24.02 3.25
CA THR B 98 -38.80 -23.29 2.42
C THR B 98 -39.26 -22.15 3.32
N VAL B 99 -39.07 -20.91 2.86
CA VAL B 99 -39.49 -19.75 3.62
C VAL B 99 -40.88 -19.95 4.23
N PRO B 100 -41.00 -19.73 5.55
CA PRO B 100 -42.28 -19.89 6.24
C PRO B 100 -43.38 -19.11 5.54
N GLY B 101 -44.38 -19.88 5.11
CA GLY B 101 -45.49 -19.34 4.39
C GLY B 101 -45.78 -20.08 3.10
N TYR B 102 -44.78 -20.79 2.57
CA TYR B 102 -44.96 -21.50 1.31
C TYR B 102 -44.70 -22.99 1.50
N SER B 103 -44.98 -23.77 0.47
CA SER B 103 -44.83 -25.22 0.54
C SER B 103 -44.39 -25.81 -0.77
N THR B 104 -44.96 -25.35 -1.86
CA THR B 104 -44.54 -25.88 -3.13
C THR B 104 -43.67 -24.85 -3.83
N ALA B 105 -43.69 -23.61 -3.35
CA ALA B 105 -42.91 -22.57 -4.01
C ALA B 105 -41.40 -22.85 -3.91
N PRO B 106 -40.62 -22.40 -4.92
CA PRO B 106 -39.17 -22.61 -4.92
C PRO B 106 -38.42 -21.48 -4.19
N TYR B 107 -38.86 -21.20 -2.96
CA TYR B 107 -38.27 -20.16 -2.14
C TYR B 107 -37.58 -20.76 -0.91
N PHE B 108 -36.27 -20.60 -0.85
CA PHE B 108 -35.50 -21.14 0.26
C PHE B 108 -34.65 -20.02 0.83
N ASP B 109 -34.94 -19.67 2.08
CA ASP B 109 -34.25 -18.59 2.79
C ASP B 109 -33.07 -19.05 3.62
N LEU B 110 -33.28 -20.06 4.43
CA LEU B 110 -32.22 -20.58 5.28
C LEU B 110 -31.52 -21.77 4.65
N TRP B 111 -30.21 -21.64 4.44
CA TRP B 111 -29.46 -22.73 3.86
C TRP B 111 -28.49 -23.35 4.83
N GLY B 112 -27.68 -24.26 4.31
CA GLY B 112 -26.73 -24.90 5.17
C GLY B 112 -25.32 -24.79 4.63
N GLN B 113 -24.34 -25.04 5.49
CA GLN B 113 -22.92 -24.99 5.14
C GLN B 113 -22.73 -25.68 3.79
N GLY B 114 -23.53 -26.73 3.60
CA GLY B 114 -23.47 -27.52 2.38
C GLY B 114 -22.29 -28.46 2.42
N THR B 115 -22.55 -29.75 2.63
CA THR B 115 -21.48 -30.74 2.69
C THR B 115 -21.19 -31.26 1.28
N LEU B 116 -19.94 -31.62 1.01
CA LEU B 116 -19.53 -32.12 -0.31
C LEU B 116 -19.44 -33.62 -0.29
N VAL B 117 -20.05 -34.27 -1.29
CA VAL B 117 -19.97 -35.71 -1.35
C VAL B 117 -19.27 -36.12 -2.64
N THR B 118 -18.09 -36.72 -2.50
CA THR B 118 -17.32 -37.18 -3.65
C THR B 118 -17.58 -38.68 -3.85
N VAL B 119 -18.48 -39.01 -4.77
CA VAL B 119 -18.80 -40.40 -5.08
C VAL B 119 -17.83 -40.89 -6.16
N SER B 120 -16.82 -41.61 -5.69
CA SER B 120 -15.79 -42.18 -6.54
C SER B 120 -15.30 -43.43 -5.80
N SER B 121 -14.78 -44.41 -6.55
CA SER B 121 -14.28 -45.66 -5.98
C SER B 121 -12.86 -45.54 -5.43
N ALA B 122 -12.15 -44.48 -5.84
CA ALA B 122 -10.78 -44.22 -5.41
C ALA B 122 -10.67 -44.12 -3.89
N SER B 123 -9.56 -44.59 -3.32
CA SER B 123 -9.33 -44.56 -1.88
C SER B 123 -8.90 -43.15 -1.44
N THR B 124 -9.05 -42.85 -0.14
CA THR B 124 -8.71 -41.53 0.41
C THR B 124 -7.21 -41.28 0.68
N LYS B 125 -6.59 -40.45 -0.17
CA LYS B 125 -5.16 -40.14 -0.10
C LYS B 125 -4.79 -38.71 0.35
N GLY B 126 -4.05 -38.63 1.45
CA GLY B 126 -3.61 -37.34 1.96
C GLY B 126 -2.77 -36.65 0.91
N PRO B 127 -2.54 -35.33 1.06
CA PRO B 127 -1.75 -34.48 0.16
C PRO B 127 -0.30 -34.30 0.59
N SER B 128 0.57 -34.06 -0.36
CA SER B 128 1.94 -33.82 0.01
C SER B 128 2.07 -32.34 -0.33
N VAL B 129 2.83 -31.63 0.48
CA VAL B 129 3.02 -30.20 0.30
C VAL B 129 4.43 -29.86 -0.13
N PHE B 130 4.56 -29.21 -1.27
CA PHE B 130 5.88 -28.83 -1.76
C PHE B 130 6.06 -27.31 -1.81
N PRO B 131 7.25 -26.83 -1.42
CA PRO B 131 7.48 -25.39 -1.44
C PRO B 131 7.73 -24.82 -2.83
N LEU B 132 7.00 -23.76 -3.15
CA LEU B 132 7.14 -23.07 -4.43
C LEU B 132 8.01 -21.82 -4.17
N ALA B 133 9.20 -22.04 -3.60
CA ALA B 133 10.17 -20.99 -3.26
C ALA B 133 10.27 -19.80 -4.22
N PRO B 134 10.47 -18.59 -3.67
CA PRO B 134 10.58 -17.33 -4.41
C PRO B 134 11.73 -17.13 -5.41
N SER B 135 11.39 -16.40 -6.49
CA SER B 135 12.32 -16.09 -7.60
C SER B 135 13.68 -15.60 -7.15
N THR B 143 9.21 -6.53 -5.43
CA THR B 143 8.73 -7.49 -4.42
C THR B 143 7.94 -8.75 -4.88
N ALA B 144 8.70 -9.78 -5.21
CA ALA B 144 8.22 -11.07 -5.69
C ALA B 144 7.47 -11.98 -4.66
N ALA B 145 6.79 -13.00 -5.22
CA ALA B 145 5.98 -13.97 -4.50
C ALA B 145 6.53 -15.39 -4.50
N LEU B 146 5.97 -16.12 -3.53
CA LEU B 146 6.26 -17.51 -3.23
C LEU B 146 4.90 -18.18 -2.99
N GLY B 147 4.90 -19.43 -2.55
CA GLY B 147 3.65 -20.11 -2.29
C GLY B 147 3.88 -21.58 -2.06
N CYS B 148 2.81 -22.35 -1.93
CA CYS B 148 2.94 -23.78 -1.72
C CYS B 148 2.22 -24.60 -2.77
N LEU B 149 2.67 -25.84 -2.93
CA LEU B 149 2.07 -26.74 -3.89
C LEU B 149 1.57 -27.99 -3.16
N VAL B 150 0.25 -28.08 -3.04
CA VAL B 150 -0.37 -29.21 -2.38
C VAL B 150 -0.76 -30.18 -3.51
N LYS B 151 0.01 -31.25 -3.68
CA LYS B 151 -0.21 -32.18 -4.78
C LYS B 151 -0.67 -33.57 -4.33
N ASP B 152 -1.31 -34.29 -5.22
CA ASP B 152 -1.77 -35.66 -4.95
C ASP B 152 -2.59 -35.91 -3.67
N TYR B 153 -3.85 -35.49 -3.70
CA TYR B 153 -4.74 -35.72 -2.57
C TYR B 153 -6.15 -35.97 -3.08
N PHE B 154 -6.92 -36.70 -2.28
CA PHE B 154 -8.28 -37.03 -2.64
C PHE B 154 -8.94 -37.60 -1.39
N PRO B 155 -10.21 -37.26 -1.14
CA PRO B 155 -11.05 -36.37 -1.95
C PRO B 155 -10.85 -34.90 -1.61
N GLU B 156 -11.65 -34.02 -2.22
CA GLU B 156 -11.57 -32.61 -1.85
C GLU B 156 -12.24 -32.65 -0.46
N PRO B 157 -12.18 -31.57 0.32
CA PRO B 157 -11.53 -30.29 0.06
C PRO B 157 -10.30 -30.18 0.92
N VAL B 158 -9.47 -29.19 0.62
CA VAL B 158 -8.28 -28.97 1.41
C VAL B 158 -8.27 -27.49 1.66
N THR B 159 -7.80 -27.11 2.85
CA THR B 159 -7.72 -25.73 3.29
C THR B 159 -6.25 -25.38 3.52
N VAL B 160 -5.81 -24.23 3.01
CA VAL B 160 -4.44 -23.77 3.19
C VAL B 160 -4.46 -22.39 3.83
N SER B 161 -3.61 -22.22 4.83
CA SER B 161 -3.52 -20.96 5.55
C SER B 161 -2.06 -20.54 5.53
N TRP B 162 -1.80 -19.26 5.81
CA TRP B 162 -0.43 -18.81 5.81
C TRP B 162 -0.01 -18.23 7.16
N ASN B 163 1.08 -18.78 7.69
CA ASN B 163 1.62 -18.38 8.98
C ASN B 163 0.45 -18.45 9.92
N SER B 164 -0.14 -19.64 10.01
CA SER B 164 -1.26 -19.95 10.90
C SER B 164 -2.40 -18.95 10.93
N GLY B 165 -2.46 -18.16 9.87
CA GLY B 165 -3.51 -17.15 9.76
C GLY B 165 -2.98 -15.74 9.65
N ALA B 166 -1.80 -15.52 10.23
CA ALA B 166 -1.15 -14.21 10.24
C ALA B 166 -1.17 -13.51 8.89
N LEU B 167 -0.54 -14.15 7.92
CA LEU B 167 -0.45 -13.61 6.58
C LEU B 167 -1.72 -13.93 5.78
N THR B 168 -2.46 -12.89 5.42
CA THR B 168 -3.67 -13.13 4.66
C THR B 168 -3.65 -12.35 3.36
N SER B 169 -3.43 -11.05 3.40
CA SER B 169 -3.43 -10.30 2.15
C SER B 169 -2.29 -10.66 1.18
N GLY B 170 -2.65 -10.81 -0.10
CA GLY B 170 -1.67 -11.17 -1.11
C GLY B 170 -1.80 -12.64 -1.48
N VAL B 171 -2.36 -13.41 -0.56
CA VAL B 171 -2.55 -14.84 -0.73
C VAL B 171 -3.61 -15.18 -1.76
N HIS B 172 -3.30 -16.18 -2.58
CA HIS B 172 -4.21 -16.70 -3.62
C HIS B 172 -4.16 -18.21 -3.60
N THR B 173 -5.12 -18.85 -2.96
CA THR B 173 -5.15 -20.30 -2.95
C THR B 173 -5.94 -20.71 -4.17
N PHE B 174 -5.28 -21.38 -5.11
CA PHE B 174 -5.94 -21.80 -6.33
C PHE B 174 -6.95 -22.97 -6.20
N PRO B 175 -7.96 -22.95 -7.09
CA PRO B 175 -8.99 -23.99 -7.11
C PRO B 175 -8.35 -25.34 -7.46
N ALA B 176 -8.69 -26.37 -6.69
CA ALA B 176 -8.14 -27.69 -6.98
C ALA B 176 -8.59 -28.16 -8.37
N VAL B 177 -7.75 -28.96 -9.00
CA VAL B 177 -8.07 -29.51 -10.30
C VAL B 177 -7.68 -30.99 -10.18
N LEU B 178 -8.32 -31.83 -10.97
CA LEU B 178 -8.02 -33.25 -10.93
C LEU B 178 -6.85 -33.52 -11.86
N GLN B 179 -5.87 -34.29 -11.38
CA GLN B 179 -4.71 -34.62 -12.18
C GLN B 179 -5.07 -35.81 -13.09
N SER B 180 -4.37 -35.95 -14.23
CA SER B 180 -4.64 -37.03 -15.15
C SER B 180 -4.55 -38.36 -14.43
N SER B 181 -4.10 -38.31 -13.17
CA SER B 181 -3.94 -39.47 -12.33
C SER B 181 -5.16 -39.68 -11.44
N GLY B 182 -6.13 -38.79 -11.57
CA GLY B 182 -7.36 -38.88 -10.80
C GLY B 182 -7.35 -38.17 -9.46
N LEU B 183 -6.14 -37.89 -8.96
CA LEU B 183 -5.92 -37.22 -7.67
C LEU B 183 -5.95 -35.68 -7.81
N TYR B 184 -6.37 -34.99 -6.76
CA TYR B 184 -6.46 -33.54 -6.82
C TYR B 184 -5.12 -32.84 -6.56
N SER B 185 -5.01 -31.62 -7.07
CA SER B 185 -3.80 -30.82 -6.92
C SER B 185 -4.13 -29.33 -6.90
N LEU B 186 -3.29 -28.53 -6.25
CA LEU B 186 -3.50 -27.09 -6.20
C LEU B 186 -2.27 -26.36 -5.69
N SER B 187 -2.25 -25.05 -5.91
CA SER B 187 -1.15 -24.23 -5.48
C SER B 187 -1.70 -22.98 -4.78
N SER B 188 -1.21 -22.72 -3.56
CA SER B 188 -1.62 -21.54 -2.78
C SER B 188 -0.42 -20.62 -2.69
N VAL B 189 -0.43 -19.54 -3.45
CA VAL B 189 0.67 -18.61 -3.43
C VAL B 189 0.31 -17.34 -2.65
N VAL B 190 1.31 -16.52 -2.35
CA VAL B 190 1.13 -15.24 -1.64
C VAL B 190 2.20 -14.22 -2.08
N THR B 191 1.79 -12.97 -2.33
CA THR B 191 2.74 -11.94 -2.72
C THR B 191 3.26 -11.24 -1.46
N VAL B 192 4.60 -11.25 -1.31
CA VAL B 192 5.26 -10.61 -0.17
C VAL B 192 6.39 -9.68 -0.65
N PRO B 193 6.77 -8.71 0.19
CA PRO B 193 7.85 -7.79 -0.19
C PRO B 193 9.15 -8.55 -0.25
N SER B 194 9.83 -8.47 -1.38
CA SER B 194 11.08 -9.17 -1.61
C SER B 194 12.07 -9.16 -0.44
N SER B 195 12.29 -7.97 0.14
CA SER B 195 13.20 -7.76 1.28
C SER B 195 12.73 -8.42 2.57
N SER B 196 11.60 -9.12 2.52
CA SER B 196 11.06 -9.78 3.69
C SER B 196 11.56 -11.22 3.69
N LEU B 197 11.94 -11.72 2.51
CA LEU B 197 12.42 -13.10 2.34
C LEU B 197 13.66 -13.35 3.20
N GLY B 198 13.69 -14.51 3.86
CA GLY B 198 14.81 -14.84 4.72
C GLY B 198 14.69 -14.19 6.11
N THR B 199 14.26 -12.93 6.12
CA THR B 199 14.09 -12.19 7.36
C THR B 199 12.79 -12.58 8.04
N GLN B 200 11.75 -12.75 7.22
CA GLN B 200 10.40 -13.11 7.68
C GLN B 200 10.08 -14.55 7.28
N THR B 201 9.71 -15.36 8.28
CA THR B 201 9.38 -16.78 8.08
C THR B 201 8.03 -16.97 7.40
N TYR B 202 8.01 -17.74 6.31
CA TYR B 202 6.77 -17.99 5.61
C TYR B 202 6.43 -19.46 5.61
N ILE B 203 5.31 -19.79 6.24
CA ILE B 203 4.88 -21.17 6.33
C ILE B 203 3.44 -21.32 5.87
N CYS B 204 3.18 -22.29 5.00
CA CYS B 204 1.82 -22.54 4.55
C CYS B 204 1.35 -23.75 5.35
N ASN B 205 0.16 -23.61 5.92
CA ASN B 205 -0.41 -24.68 6.72
C ASN B 205 -1.50 -25.34 5.89
N VAL B 206 -1.26 -26.59 5.50
CA VAL B 206 -2.22 -27.31 4.71
C VAL B 206 -2.95 -28.31 5.58
N ASN B 207 -4.26 -28.35 5.44
CA ASN B 207 -5.06 -29.28 6.20
C ASN B 207 -6.07 -30.00 5.32
N HIS B 208 -6.06 -31.32 5.41
CA HIS B 208 -6.93 -32.16 4.62
C HIS B 208 -7.60 -33.13 5.58
N LYS B 209 -8.65 -32.67 6.27
CA LYS B 209 -9.34 -33.52 7.23
C LYS B 209 -9.85 -34.87 6.71
N PRO B 210 -10.21 -34.98 5.41
CA PRO B 210 -10.68 -36.28 4.93
C PRO B 210 -9.74 -37.42 5.27
N SER B 211 -8.43 -37.12 5.28
CA SER B 211 -7.38 -38.10 5.59
C SER B 211 -6.68 -37.78 6.93
N ASN B 212 -7.15 -36.74 7.61
CA ASN B 212 -6.56 -36.29 8.86
C ASN B 212 -5.09 -36.04 8.65
N THR B 213 -4.79 -35.35 7.55
CA THR B 213 -3.44 -34.96 7.17
C THR B 213 -3.29 -33.48 7.50
N LYS B 214 -2.14 -33.13 8.06
CA LYS B 214 -1.87 -31.74 8.37
C LYS B 214 -0.41 -31.52 8.15
N VAL B 215 -0.08 -30.41 7.54
CA VAL B 215 1.30 -30.11 7.26
C VAL B 215 1.50 -28.62 7.41
N ASP B 216 2.75 -28.23 7.66
CA ASP B 216 3.10 -26.82 7.80
C ASP B 216 4.43 -26.75 7.06
N LYS B 217 4.39 -26.38 5.79
CA LYS B 217 5.62 -26.34 5.03
C LYS B 217 6.24 -24.95 5.00
N LYS B 218 7.51 -24.87 5.38
CA LYS B 218 8.19 -23.56 5.32
C LYS B 218 8.68 -23.27 3.92
N VAL B 219 8.23 -22.15 3.39
CA VAL B 219 8.61 -21.71 2.08
C VAL B 219 9.76 -20.69 2.20
N GLU B 220 10.94 -21.04 1.69
CA GLU B 220 12.11 -20.15 1.75
C GLU B 220 12.92 -20.30 0.49
N PRO B 221 13.26 -19.17 -0.17
CA PRO B 221 14.04 -19.15 -1.42
C PRO B 221 15.15 -20.23 -1.50
N LYS B 222 15.42 -20.75 -2.70
CA LYS B 222 16.45 -21.81 -2.88
C LYS B 222 17.68 -21.37 -3.64
N SER B 223 18.84 -21.79 -3.13
CA SER B 223 20.16 -21.47 -3.73
C SER B 223 21.20 -21.56 -2.61
N CYS B 224 21.68 -20.50 -2.14
N ASP C 1 -39.53 -30.43 -22.68
CA ASP C 1 -40.02 -30.64 -21.29
C ASP C 1 -40.03 -29.31 -20.52
N ILE C 2 -39.54 -29.34 -19.27
CA ILE C 2 -39.46 -28.14 -18.43
C ILE C 2 -38.40 -27.19 -18.98
N GLN C 3 -37.12 -27.50 -18.75
CA GLN C 3 -36.01 -26.66 -19.27
C GLN C 3 -36.15 -25.13 -19.14
N MET C 4 -35.54 -24.59 -18.09
CA MET C 4 -35.54 -23.16 -17.81
C MET C 4 -34.22 -22.52 -18.28
N THR C 5 -34.26 -21.74 -19.34
CA THR C 5 -33.03 -21.17 -19.86
C THR C 5 -32.72 -19.80 -19.33
N GLN C 6 -31.56 -19.63 -18.72
CA GLN C 6 -31.17 -18.32 -18.16
C GLN C 6 -30.05 -17.69 -18.97
N SER C 7 -30.21 -16.42 -19.36
CA SER C 7 -29.16 -15.77 -20.13
C SER C 7 -28.97 -14.29 -19.80
N PRO C 8 -27.78 -13.72 -20.06
CA PRO C 8 -26.60 -14.36 -20.66
C PRO C 8 -25.97 -15.39 -19.72
N SER C 9 -25.09 -16.23 -20.25
CA SER C 9 -24.44 -17.26 -19.44
C SER C 9 -23.50 -16.62 -18.47
N SER C 10 -23.02 -15.43 -18.85
CA SER C 10 -22.11 -14.65 -18.01
C SER C 10 -22.05 -13.26 -18.59
N VAL C 11 -21.70 -12.29 -17.74
CA VAL C 11 -21.61 -10.90 -18.19
C VAL C 11 -20.68 -10.01 -17.36
N SER C 12 -20.04 -9.06 -18.03
CA SER C 12 -19.12 -8.12 -17.39
C SER C 12 -19.69 -6.69 -17.52
N ALA C 13 -19.87 -5.98 -16.40
CA ALA C 13 -20.39 -4.62 -16.46
C ALA C 13 -19.62 -3.85 -15.42
N SER C 14 -19.45 -2.55 -15.64
CA SER C 14 -18.70 -1.72 -14.71
C SER C 14 -19.51 -1.43 -13.46
N VAL C 15 -18.86 -0.90 -12.42
CA VAL C 15 -19.61 -0.54 -11.22
C VAL C 15 -20.47 0.61 -11.70
N GLY C 16 -21.64 0.75 -11.08
CA GLY C 16 -22.51 1.84 -11.46
C GLY C 16 -23.55 1.37 -12.44
N ASP C 17 -23.08 0.74 -13.52
CA ASP C 17 -23.92 0.20 -14.58
C ASP C 17 -25.11 -0.55 -14.05
N ARG C 18 -25.97 -0.92 -14.99
CA ARG C 18 -27.15 -1.67 -14.64
C ARG C 18 -27.08 -2.97 -15.41
N VAL C 19 -27.05 -4.06 -14.67
CA VAL C 19 -26.97 -5.38 -15.26
C VAL C 19 -28.34 -5.99 -15.27
N THR C 20 -28.71 -6.57 -16.41
CA THR C 20 -30.01 -7.21 -16.59
C THR C 20 -29.85 -8.70 -16.91
N ILE C 21 -30.39 -9.52 -16.02
CA ILE C 21 -30.35 -10.96 -16.19
C ILE C 21 -31.75 -11.43 -16.50
N THR C 22 -31.88 -12.25 -17.56
CA THR C 22 -33.16 -12.83 -17.98
C THR C 22 -33.23 -14.33 -17.61
N CYS C 23 -34.43 -14.86 -17.59
CA CYS C 23 -34.64 -16.25 -17.24
C CYS C 23 -35.90 -16.61 -17.97
N GLN C 24 -35.77 -17.43 -19.02
CA GLN C 24 -36.89 -17.85 -19.85
C GLN C 24 -37.23 -19.31 -19.64
N SER C 25 -38.38 -19.60 -19.04
CA SER C 25 -38.75 -20.99 -18.82
C SER C 25 -39.63 -21.52 -19.98
N SER C 26 -39.43 -22.78 -20.36
CA SER C 26 -40.22 -23.33 -21.45
C SER C 26 -41.66 -23.48 -21.02
N PRO C 27 -41.93 -24.25 -19.97
CA PRO C 27 -43.37 -24.26 -19.69
C PRO C 27 -43.57 -23.02 -18.83
N SER C 28 -44.59 -22.22 -19.12
CA SER C 28 -44.86 -21.04 -18.32
C SER C 28 -44.81 -21.49 -16.84
N VAL C 29 -43.98 -20.86 -16.01
CA VAL C 29 -43.88 -21.27 -14.60
C VAL C 29 -45.25 -21.09 -13.97
N TRP C 30 -45.49 -21.74 -12.84
CA TRP C 30 -46.78 -21.63 -12.18
C TRP C 30 -47.08 -20.15 -11.83
N SER C 31 -48.13 -19.93 -11.09
CA SER C 31 -48.50 -18.57 -10.70
C SER C 31 -47.37 -17.82 -10.00
N ASN C 32 -46.62 -17.00 -10.73
CA ASN C 32 -45.55 -16.22 -10.09
C ASN C 32 -44.41 -16.98 -9.42
N PHE C 33 -44.54 -18.30 -9.32
CA PHE C 33 -43.50 -19.09 -8.71
C PHE C 33 -42.18 -18.96 -9.46
N LEU C 34 -41.49 -17.84 -9.25
CA LEU C 34 -40.20 -17.58 -9.89
C LEU C 34 -39.27 -16.88 -8.91
N SER C 35 -38.28 -17.59 -8.37
CA SER C 35 -37.37 -16.99 -7.41
C SER C 35 -36.00 -16.68 -8.01
N TRP C 36 -35.29 -15.75 -7.40
CA TRP C 36 -33.96 -15.35 -7.82
C TRP C 36 -32.98 -15.55 -6.65
N TYR C 37 -31.88 -16.26 -6.92
CA TYR C 37 -30.88 -16.51 -5.91
C TYR C 37 -29.54 -15.90 -6.30
N GLN C 38 -28.72 -15.61 -5.29
CA GLN C 38 -27.39 -15.09 -5.52
C GLN C 38 -26.44 -16.03 -4.78
N GLN C 39 -25.39 -16.47 -5.46
CA GLN C 39 -24.43 -17.36 -4.83
C GLN C 39 -23.01 -16.86 -5.00
N LYS C 40 -22.41 -16.51 -3.87
CA LYS C 40 -21.04 -16.03 -3.89
C LYS C 40 -20.13 -17.25 -3.71
N PRO C 41 -18.94 -17.24 -4.35
CA PRO C 41 -17.94 -18.32 -4.29
C PRO C 41 -17.90 -18.97 -2.94
N GLY C 42 -18.04 -20.30 -2.93
CA GLY C 42 -18.00 -21.04 -1.68
C GLY C 42 -19.27 -20.99 -0.86
N LYS C 43 -19.77 -19.78 -0.63
CA LYS C 43 -21.00 -19.58 0.12
C LYS C 43 -22.17 -20.25 -0.61
N ALA C 44 -23.26 -20.51 0.09
CA ALA C 44 -24.43 -21.15 -0.53
C ALA C 44 -25.28 -20.11 -1.25
N PRO C 45 -26.42 -20.54 -1.80
CA PRO C 45 -27.24 -19.54 -2.50
C PRO C 45 -27.95 -18.65 -1.48
N LYS C 46 -28.46 -17.51 -1.95
CA LYS C 46 -29.15 -16.55 -1.10
C LYS C 46 -30.42 -16.07 -1.80
N LEU C 47 -31.57 -16.23 -1.15
CA LEU C 47 -32.81 -15.81 -1.79
C LEU C 47 -32.89 -14.29 -1.92
N LEU C 48 -32.93 -13.80 -3.15
CA LEU C 48 -33.04 -12.36 -3.38
C LEU C 48 -34.49 -11.95 -3.69
N ILE C 49 -35.12 -12.67 -4.61
CA ILE C 49 -36.49 -12.35 -5.00
C ILE C 49 -37.37 -13.59 -5.17
N TYR C 50 -38.62 -13.46 -4.77
CA TYR C 50 -39.59 -14.54 -4.91
C TYR C 50 -40.88 -13.91 -5.46
N GLU C 51 -41.76 -14.73 -5.99
CA GLU C 51 -43.01 -14.24 -6.59
C GLU C 51 -42.61 -13.31 -7.73
N ALA C 52 -41.48 -13.65 -8.34
CA ALA C 52 -40.93 -12.93 -9.49
C ALA C 52 -40.39 -11.52 -9.23
N SER C 53 -41.08 -10.77 -8.37
CA SER C 53 -40.69 -9.39 -8.11
C SER C 53 -40.51 -8.98 -6.66
N LYS C 54 -40.92 -9.83 -5.72
CA LYS C 54 -40.78 -9.53 -4.28
C LYS C 54 -39.37 -9.74 -3.72
N LEU C 55 -38.82 -8.70 -3.10
CA LEU C 55 -37.49 -8.80 -2.53
C LEU C 55 -37.65 -9.40 -1.16
N THR C 56 -36.58 -10.02 -0.65
CA THR C 56 -36.63 -10.59 0.68
C THR C 56 -35.98 -9.54 1.58
N SER C 57 -36.20 -9.66 2.88
CA SER C 57 -35.63 -8.72 3.83
C SER C 57 -34.12 -8.87 3.77
N GLY C 58 -33.40 -7.76 3.88
CA GLY C 58 -31.95 -7.85 3.84
C GLY C 58 -31.41 -7.97 2.43
N VAL C 59 -32.12 -7.42 1.47
CA VAL C 59 -31.67 -7.45 0.08
C VAL C 59 -31.66 -6.04 -0.48
N PRO C 60 -30.53 -5.60 -1.09
CA PRO C 60 -30.43 -4.24 -1.64
C PRO C 60 -31.57 -3.81 -2.53
N SER C 61 -31.98 -2.55 -2.43
CA SER C 61 -33.09 -2.06 -3.26
C SER C 61 -32.68 -2.12 -4.72
N ARG C 62 -31.37 -2.06 -4.99
CA ARG C 62 -30.92 -2.10 -6.38
C ARG C 62 -31.34 -3.41 -7.12
N PHE C 63 -31.69 -4.45 -6.38
CA PHE C 63 -32.10 -5.71 -7.02
C PHE C 63 -33.59 -5.65 -7.26
N SER C 64 -33.98 -5.86 -8.50
CA SER C 64 -35.39 -5.80 -8.87
C SER C 64 -35.81 -6.94 -9.80
N GLY C 65 -36.95 -7.55 -9.50
CA GLY C 65 -37.41 -8.65 -10.33
C GLY C 65 -38.65 -8.26 -11.11
N SER C 66 -38.77 -8.79 -12.32
CA SER C 66 -39.93 -8.48 -13.15
C SER C 66 -40.22 -9.67 -14.06
N GLY C 67 -41.28 -9.57 -14.85
CA GLY C 67 -41.61 -10.65 -15.76
C GLY C 67 -42.79 -11.50 -15.36
N SER C 68 -43.34 -12.21 -16.34
CA SER C 68 -44.49 -13.07 -16.10
C SER C 68 -44.63 -14.17 -17.12
N GLY C 69 -45.16 -15.29 -16.66
CA GLY C 69 -45.36 -16.43 -17.53
C GLY C 69 -44.10 -17.20 -17.88
N THR C 70 -43.52 -16.88 -19.03
CA THR C 70 -42.35 -17.59 -19.52
C THR C 70 -41.09 -16.74 -19.53
N ASP C 71 -41.22 -15.45 -19.25
CA ASP C 71 -40.06 -14.58 -19.25
C ASP C 71 -39.96 -13.75 -17.98
N PHE C 72 -38.83 -13.89 -17.28
CA PHE C 72 -38.59 -13.16 -16.03
C PHE C 72 -37.27 -12.43 -16.11
N THR C 73 -37.20 -11.26 -15.49
CA THR C 73 -35.98 -10.47 -15.52
C THR C 73 -35.52 -9.95 -14.17
N LEU C 74 -34.27 -10.27 -13.84
CA LEU C 74 -33.63 -9.79 -12.62
C LEU C 74 -32.82 -8.59 -13.12
N THR C 75 -32.93 -7.45 -12.43
CA THR C 75 -32.21 -6.23 -12.83
C THR C 75 -31.47 -5.60 -11.66
N ILE C 76 -30.21 -5.25 -11.89
CA ILE C 76 -29.40 -4.58 -10.87
C ILE C 76 -29.26 -3.16 -11.39
N SER C 77 -30.02 -2.25 -10.80
CA SER C 77 -30.04 -0.86 -11.23
C SER C 77 -28.70 -0.11 -11.22
N SER C 78 -27.87 -0.38 -10.22
CA SER C 78 -26.56 0.27 -10.12
C SER C 78 -25.59 -0.76 -9.57
N LEU C 79 -24.84 -1.38 -10.47
CA LEU C 79 -23.91 -2.42 -10.09
C LEU C 79 -22.86 -2.01 -9.07
N GLN C 80 -22.72 -2.82 -8.03
CA GLN C 80 -21.72 -2.56 -7.01
C GLN C 80 -20.72 -3.69 -7.10
N PRO C 81 -19.47 -3.46 -6.66
CA PRO C 81 -18.45 -4.52 -6.72
C PRO C 81 -18.83 -5.74 -5.88
N GLU C 82 -19.66 -5.55 -4.84
CA GLU C 82 -20.10 -6.64 -3.95
C GLU C 82 -21.22 -7.44 -4.57
N ASP C 83 -21.58 -7.10 -5.80
CA ASP C 83 -22.64 -7.81 -6.48
C ASP C 83 -22.02 -8.90 -7.32
N PHE C 84 -20.70 -9.02 -7.19
CA PHE C 84 -19.96 -10.04 -7.89
C PHE C 84 -20.47 -11.39 -7.42
N ALA C 85 -21.09 -12.15 -8.32
CA ALA C 85 -21.60 -13.48 -7.97
C ALA C 85 -22.29 -14.15 -9.15
N THR C 86 -22.71 -15.39 -8.92
CA THR C 86 -23.42 -16.16 -9.94
C THR C 86 -24.88 -16.16 -9.49
N TYR C 87 -25.79 -15.74 -10.38
CA TYR C 87 -27.20 -15.67 -10.06
C TYR C 87 -28.00 -16.87 -10.60
N TYR C 88 -29.07 -17.23 -9.91
CA TYR C 88 -29.89 -18.36 -10.35
C TYR C 88 -31.35 -18.01 -10.19
N CYS C 89 -32.20 -18.51 -11.09
CA CYS C 89 -33.64 -18.27 -11.02
C CYS C 89 -34.33 -19.61 -10.86
N GLY C 90 -35.11 -19.76 -9.79
CA GLY C 90 -35.80 -21.01 -9.57
C GLY C 90 -37.28 -20.89 -9.89
N GLY C 91 -37.86 -21.94 -10.45
CA GLY C 91 -39.27 -21.89 -10.76
C GLY C 91 -40.06 -23.08 -10.31
N GLY C 92 -41.35 -22.84 -10.16
CA GLY C 92 -42.30 -23.85 -9.76
C GLY C 92 -43.15 -24.19 -10.98
N TYR C 93 -43.58 -25.43 -11.07
CA TYR C 93 -44.33 -25.85 -12.25
C TYR C 93 -45.55 -26.75 -12.05
N SER C 94 -46.34 -26.45 -11.03
CA SER C 94 -47.53 -27.27 -10.73
C SER C 94 -47.13 -28.71 -10.43
N SER C 95 -45.89 -29.08 -10.68
CA SER C 95 -45.52 -30.45 -10.46
C SER C 95 -44.74 -30.63 -9.20
N ILE C 96 -44.33 -29.53 -8.59
CA ILE C 96 -43.55 -29.54 -7.36
C ILE C 96 -42.22 -30.25 -7.55
N SER C 97 -42.28 -31.55 -7.81
CA SER C 97 -41.09 -32.35 -8.03
C SER C 97 -40.47 -31.93 -9.36
N ASP C 98 -40.84 -30.74 -9.79
CA ASP C 98 -40.34 -30.18 -11.03
C ASP C 98 -39.50 -28.93 -10.81
N THR C 99 -39.40 -28.49 -9.56
CA THR C 99 -38.63 -27.32 -9.21
C THR C 99 -37.27 -27.36 -9.91
N THR C 100 -36.98 -26.34 -10.71
CA THR C 100 -35.74 -26.25 -11.47
C THR C 100 -35.14 -24.84 -11.49
N PHE C 101 -33.81 -24.75 -11.39
CA PHE C 101 -33.10 -23.47 -11.43
C PHE C 101 -32.50 -23.19 -12.79
N GLY C 102 -32.39 -21.92 -13.14
CA GLY C 102 -31.81 -21.54 -14.42
C GLY C 102 -30.36 -21.98 -14.49
N GLY C 103 -29.72 -21.70 -15.62
CA GLY C 103 -28.32 -22.07 -15.78
C GLY C 103 -27.51 -21.16 -14.89
N GLY C 104 -28.07 -19.99 -14.65
CA GLY C 104 -27.41 -19.01 -13.82
C GLY C 104 -26.55 -18.07 -14.66
N THR C 105 -26.38 -16.85 -14.17
CA THR C 105 -25.58 -15.87 -14.87
C THR C 105 -24.39 -15.57 -13.96
N LYS C 106 -23.26 -15.30 -14.58
CA LYS C 106 -22.09 -15.00 -13.79
C LYS C 106 -21.74 -13.54 -14.04
N VAL C 107 -21.80 -12.75 -12.97
CA VAL C 107 -21.50 -11.33 -13.05
C VAL C 107 -20.11 -11.05 -12.49
N GLU C 108 -19.30 -10.43 -13.33
CA GLU C 108 -17.95 -10.06 -12.97
C GLU C 108 -17.77 -8.60 -13.34
N ILE C 109 -17.14 -7.86 -12.44
CA ILE C 109 -16.92 -6.43 -12.61
C ILE C 109 -15.90 -5.99 -13.65
N LYS C 110 -16.11 -4.79 -14.18
CA LYS C 110 -15.21 -4.20 -15.16
C LYS C 110 -14.26 -3.22 -14.48
N ARG C 111 -12.97 -3.35 -14.83
CA ARG C 111 -11.93 -2.48 -14.29
C ARG C 111 -10.79 -2.40 -15.31
N THR C 112 -10.21 -1.21 -15.53
CA THR C 112 -9.15 -1.08 -16.52
C THR C 112 -8.30 -2.33 -16.71
N VAL C 113 -7.82 -2.49 -17.94
CA VAL C 113 -6.99 -3.65 -18.29
C VAL C 113 -5.81 -3.68 -17.33
N ALA C 114 -5.30 -4.88 -17.10
CA ALA C 114 -4.17 -5.04 -16.19
C ALA C 114 -3.40 -6.29 -16.51
N ALA C 115 -2.20 -6.14 -17.05
CA ALA C 115 -1.40 -7.30 -17.39
C ALA C 115 -1.06 -8.09 -16.14
N PRO C 116 -0.91 -9.42 -16.29
CA PRO C 116 -0.59 -10.35 -15.19
C PRO C 116 0.89 -10.34 -14.84
N SER C 117 1.22 -10.09 -13.59
CA SER C 117 2.63 -10.12 -13.25
C SER C 117 2.97 -11.57 -13.01
N VAL C 118 3.83 -12.10 -13.89
CA VAL C 118 4.26 -13.49 -13.87
C VAL C 118 5.42 -13.89 -13.00
N PHE C 119 5.38 -15.16 -12.61
CA PHE C 119 6.39 -15.80 -11.80
C PHE C 119 6.56 -17.21 -12.31
N ILE C 120 7.68 -17.83 -11.99
CA ILE C 120 7.88 -19.17 -12.42
C ILE C 120 8.68 -19.87 -11.35
N PHE C 121 8.18 -20.97 -10.83
CA PHE C 121 8.89 -21.68 -9.78
C PHE C 121 9.26 -23.09 -10.21
N PRO C 122 10.56 -23.41 -10.24
CA PRO C 122 10.93 -24.77 -10.64
C PRO C 122 10.62 -25.72 -9.49
N PRO C 123 10.50 -27.03 -9.78
CA PRO C 123 10.20 -28.03 -8.74
C PRO C 123 11.04 -27.89 -7.47
N SER C 124 10.56 -28.47 -6.38
CA SER C 124 11.28 -28.42 -5.12
C SER C 124 12.17 -29.64 -5.07
N ASP C 125 13.12 -29.65 -4.14
CA ASP C 125 14.02 -30.78 -4.02
C ASP C 125 13.29 -31.94 -3.36
N GLU C 126 12.36 -31.63 -2.47
CA GLU C 126 11.60 -32.67 -1.79
C GLU C 126 10.79 -33.42 -2.82
N GLN C 127 10.26 -32.69 -3.81
CA GLN C 127 9.45 -33.30 -4.85
C GLN C 127 10.25 -34.10 -5.88
N LEU C 128 11.47 -33.67 -6.16
CA LEU C 128 12.26 -34.42 -7.12
C LEU C 128 12.66 -35.74 -6.46
N LYS C 129 12.67 -35.77 -5.13
CA LYS C 129 12.99 -37.02 -4.43
C LYS C 129 11.77 -37.98 -4.48
N SER C 130 10.80 -37.67 -5.34
CA SER C 130 9.58 -38.48 -5.54
C SER C 130 9.56 -38.91 -7.00
N GLY C 131 10.48 -38.38 -7.78
CA GLY C 131 10.53 -38.73 -9.18
C GLY C 131 9.61 -37.85 -10.01
N THR C 132 8.98 -36.87 -9.38
CA THR C 132 8.09 -35.99 -10.13
C THR C 132 8.65 -34.57 -10.14
N ALA C 133 8.27 -33.80 -11.16
CA ALA C 133 8.72 -32.42 -11.28
C ALA C 133 7.56 -31.54 -11.69
N SER C 134 7.22 -30.56 -10.85
CA SER C 134 6.13 -29.65 -11.19
C SER C 134 6.64 -28.22 -11.29
N VAL C 135 6.55 -27.66 -12.47
CA VAL C 135 6.99 -26.29 -12.68
C VAL C 135 5.74 -25.39 -12.75
N VAL C 136 5.55 -24.48 -11.78
CA VAL C 136 4.38 -23.61 -11.75
C VAL C 136 4.61 -22.20 -12.27
N CYS C 137 3.66 -21.68 -13.02
CA CYS C 137 3.76 -20.35 -13.58
C CYS C 137 2.56 -19.51 -13.17
N LEU C 138 2.74 -18.63 -12.19
CA LEU C 138 1.67 -17.77 -11.68
C LEU C 138 1.48 -16.48 -12.48
N LEU C 139 0.24 -16.18 -12.82
CA LEU C 139 -0.11 -14.93 -13.51
C LEU C 139 -1.04 -14.29 -12.51
N ASN C 140 -0.48 -13.53 -11.58
CA ASN C 140 -1.27 -12.90 -10.53
C ASN C 140 -1.91 -11.54 -10.80
N ASN C 141 -3.12 -11.38 -10.28
CA ASN C 141 -3.91 -10.17 -10.37
C ASN C 141 -3.84 -9.48 -11.74
N PHE C 142 -4.79 -9.80 -12.59
CA PHE C 142 -4.89 -9.22 -13.92
C PHE C 142 -6.33 -9.13 -14.40
N TYR C 143 -6.52 -8.54 -15.56
CA TYR C 143 -7.84 -8.37 -16.14
C TYR C 143 -7.67 -7.88 -17.56
N PRO C 144 -8.46 -8.42 -18.50
CA PRO C 144 -9.51 -9.43 -18.37
C PRO C 144 -9.01 -10.84 -18.09
N ARG C 145 -9.96 -11.73 -17.87
CA ARG C 145 -9.68 -13.12 -17.58
C ARG C 145 -8.98 -13.93 -18.68
N GLU C 146 -9.12 -13.48 -19.94
CA GLU C 146 -8.52 -14.19 -21.07
C GLU C 146 -7.01 -14.05 -21.07
N ALA C 147 -6.33 -15.19 -21.05
CA ALA C 147 -4.89 -15.23 -21.08
C ALA C 147 -4.37 -16.53 -21.68
N LYS C 148 -3.26 -16.43 -22.39
CA LYS C 148 -2.65 -17.58 -23.03
C LYS C 148 -1.30 -17.87 -22.40
N VAL C 149 -1.18 -19.07 -21.83
CA VAL C 149 0.02 -19.51 -21.15
C VAL C 149 0.63 -20.76 -21.80
N GLN C 150 1.74 -20.58 -22.54
CA GLN C 150 2.44 -21.68 -23.22
C GLN C 150 3.75 -22.05 -22.57
N TRP C 151 4.10 -23.33 -22.63
CA TRP C 151 5.34 -23.81 -22.05
C TRP C 151 6.37 -24.25 -23.11
N LYS C 152 7.59 -23.73 -22.98
CA LYS C 152 8.68 -24.07 -23.89
C LYS C 152 9.88 -24.59 -23.11
N VAL C 153 10.15 -25.89 -23.22
CA VAL C 153 11.31 -26.49 -22.55
C VAL C 153 12.43 -26.67 -23.60
N ASP C 154 13.47 -25.86 -23.46
CA ASP C 154 14.58 -25.87 -24.41
C ASP C 154 13.92 -25.48 -25.71
N ASN C 155 13.13 -24.42 -25.66
CA ASN C 155 12.38 -23.92 -26.82
C ASN C 155 11.36 -24.92 -27.42
N ALA C 156 11.32 -26.13 -26.88
CA ALA C 156 10.37 -27.14 -27.33
C ALA C 156 8.96 -26.84 -26.74
N LEU C 157 8.12 -26.17 -27.52
CA LEU C 157 6.77 -25.81 -27.07
C LEU C 157 6.03 -27.06 -26.60
N GLN C 158 5.38 -26.94 -25.45
CA GLN C 158 4.64 -28.06 -24.87
C GLN C 158 3.14 -28.06 -25.19
N SER C 159 2.50 -29.17 -24.78
CA SER C 159 1.06 -29.39 -24.95
C SER C 159 0.72 -30.76 -24.34
N GLY C 160 -0.28 -30.79 -23.46
CA GLY C 160 -0.70 -32.04 -22.83
C GLY C 160 0.01 -32.53 -21.58
N ASN C 161 0.79 -31.67 -20.92
CA ASN C 161 1.51 -32.06 -19.69
C ASN C 161 1.45 -30.95 -18.64
N SER C 162 0.41 -30.12 -18.78
CA SER C 162 0.19 -29.00 -17.89
C SER C 162 -1.29 -28.60 -17.76
N GLN C 163 -1.79 -28.51 -16.54
CA GLN C 163 -3.18 -28.07 -16.32
C GLN C 163 -3.20 -26.84 -15.40
N GLU C 164 -3.78 -25.75 -15.90
CA GLU C 164 -3.84 -24.48 -15.18
C GLU C 164 -5.17 -24.20 -14.50
N SER C 165 -5.09 -23.57 -13.32
CA SER C 165 -6.26 -23.20 -12.51
C SER C 165 -6.37 -21.68 -12.40
N VAL C 166 -7.58 -21.20 -12.15
CA VAL C 166 -7.81 -19.78 -12.04
C VAL C 166 -8.75 -19.48 -10.89
N THR C 167 -8.44 -18.43 -10.14
CA THR C 167 -9.26 -18.06 -9.02
C THR C 167 -10.39 -17.14 -9.44
N GLU C 168 -11.40 -16.98 -8.58
CA GLU C 168 -12.53 -16.10 -8.87
C GLU C 168 -11.98 -14.68 -8.96
N GLN C 169 -12.84 -13.72 -9.27
CA GLN C 169 -12.40 -12.34 -9.36
C GLN C 169 -12.18 -11.81 -7.91
N ASP C 170 -11.02 -11.23 -7.65
CA ASP C 170 -10.68 -10.71 -6.30
C ASP C 170 -11.66 -9.66 -5.81
N SER C 171 -11.99 -9.72 -4.52
CA SER C 171 -12.95 -8.78 -3.93
C SER C 171 -12.31 -7.43 -3.59
N LYS C 172 -11.04 -7.29 -3.91
CA LYS C 172 -10.29 -6.06 -3.67
C LYS C 172 -10.17 -5.29 -4.98
N ASP C 173 -9.22 -5.77 -5.75
CA ASP C 173 -8.80 -5.22 -7.01
C ASP C 173 -9.53 -5.81 -8.21
N SER C 174 -10.59 -6.60 -7.97
CA SER C 174 -11.35 -7.18 -9.08
C SER C 174 -10.47 -7.90 -10.12
N THR C 175 -9.36 -8.51 -9.70
CA THR C 175 -8.50 -9.19 -10.67
C THR C 175 -8.43 -10.69 -10.47
N TYR C 176 -7.90 -11.38 -11.47
CA TYR C 176 -7.78 -12.83 -11.42
C TYR C 176 -6.33 -13.23 -11.20
N SER C 177 -6.14 -14.52 -11.01
CA SER C 177 -4.82 -15.09 -10.82
C SER C 177 -4.88 -16.44 -11.49
N LEU C 178 -3.86 -16.75 -12.30
CA LEU C 178 -3.78 -18.02 -13.01
C LEU C 178 -2.51 -18.81 -12.66
N SER C 179 -2.67 -20.10 -12.44
CA SER C 179 -1.54 -20.97 -12.12
C SER C 179 -1.42 -22.07 -13.15
N SER C 180 -0.43 -21.98 -14.05
CA SER C 180 -0.21 -23.01 -15.06
C SER C 180 0.83 -23.99 -14.50
N THR C 181 0.48 -25.25 -14.30
CA THR C 181 1.45 -26.18 -13.74
C THR C 181 1.88 -27.36 -14.63
N LEU C 182 3.10 -27.24 -15.16
CA LEU C 182 3.72 -28.23 -16.04
C LEU C 182 4.32 -29.32 -15.19
N THR C 183 3.91 -30.56 -15.45
CA THR C 183 4.48 -31.66 -14.70
C THR C 183 5.15 -32.68 -15.62
N LEU C 184 6.37 -33.04 -15.26
CA LEU C 184 7.20 -33.98 -16.00
C LEU C 184 7.80 -34.93 -14.96
N SER C 185 8.24 -36.10 -15.39
CA SER C 185 8.83 -36.99 -14.41
C SER C 185 10.13 -36.28 -14.04
N LYS C 186 10.91 -36.89 -13.15
CA LYS C 186 12.20 -36.32 -12.77
C LYS C 186 13.13 -36.43 -13.96
N ALA C 187 13.21 -37.64 -14.52
CA ALA C 187 14.04 -37.94 -15.68
C ALA C 187 13.73 -36.98 -16.84
N ASP C 188 12.45 -36.73 -17.07
CA ASP C 188 12.05 -35.80 -18.11
C ASP C 188 12.62 -34.44 -17.77
N TYR C 189 12.51 -34.06 -16.49
CA TYR C 189 12.98 -32.77 -15.99
C TYR C 189 14.49 -32.57 -16.04
N GLU C 190 15.25 -33.57 -15.63
CA GLU C 190 16.69 -33.40 -15.60
C GLU C 190 17.33 -33.59 -16.96
N LYS C 191 16.50 -33.90 -17.95
CA LYS C 191 16.96 -34.10 -19.31
C LYS C 191 17.10 -32.78 -20.03
N HIS C 192 16.56 -31.73 -19.45
CA HIS C 192 16.65 -30.41 -20.07
C HIS C 192 17.15 -29.32 -19.13
N LYS C 193 17.33 -28.12 -19.68
CA LYS C 193 17.77 -26.98 -18.90
C LYS C 193 16.85 -25.76 -18.98
N VAL C 194 16.40 -25.38 -20.18
CA VAL C 194 15.56 -24.19 -20.32
C VAL C 194 14.06 -24.34 -20.17
N TYR C 195 13.57 -24.09 -18.96
CA TYR C 195 12.14 -24.19 -18.69
C TYR C 195 11.57 -22.79 -18.73
N ALA C 196 10.69 -22.54 -19.70
CA ALA C 196 10.08 -21.21 -19.83
C ALA C 196 8.56 -21.20 -19.81
N CYS C 197 8.02 -20.00 -19.64
CA CYS C 197 6.58 -19.82 -19.58
C CYS C 197 6.21 -18.57 -20.38
N GLU C 198 5.44 -18.79 -21.46
CA GLU C 198 4.97 -17.75 -22.40
C GLU C 198 3.55 -17.25 -22.12
N VAL C 199 3.42 -15.97 -21.79
CA VAL C 199 2.13 -15.41 -21.47
C VAL C 199 1.70 -14.28 -22.40
N THR C 200 0.63 -14.53 -23.13
CA THR C 200 0.08 -13.56 -24.06
C THR C 200 -1.24 -13.05 -23.48
N HIS C 201 -1.25 -11.81 -23.04
CA HIS C 201 -2.44 -11.23 -22.45
C HIS C 201 -2.78 -9.88 -23.05
N GLN C 202 -4.07 -9.63 -23.21
CA GLN C 202 -4.54 -8.38 -23.80
C GLN C 202 -3.90 -7.14 -23.18
N GLY C 203 -3.32 -7.27 -21.99
CA GLY C 203 -2.69 -6.12 -21.35
C GLY C 203 -1.21 -5.99 -21.61
N LEU C 204 -0.68 -6.80 -22.51
CA LEU C 204 0.74 -6.76 -22.85
C LEU C 204 0.93 -6.52 -24.35
N SER C 205 1.73 -5.54 -24.72
CA SER C 205 1.96 -5.28 -26.13
C SER C 205 2.87 -6.36 -26.68
N SER C 206 3.55 -7.04 -25.77
CA SER C 206 4.48 -8.07 -26.16
C SER C 206 4.34 -9.31 -25.29
N PRO C 207 4.16 -10.50 -25.92
CA PRO C 207 4.03 -11.74 -25.13
C PRO C 207 5.27 -12.09 -24.33
N VAL C 208 5.25 -11.70 -23.05
CA VAL C 208 6.37 -11.92 -22.15
C VAL C 208 6.62 -13.37 -21.72
N THR C 209 7.82 -13.61 -21.20
CA THR C 209 8.22 -14.94 -20.74
C THR C 209 9.03 -14.80 -19.46
N LYS C 210 8.98 -15.84 -18.64
CA LYS C 210 9.72 -15.87 -17.39
C LYS C 210 10.31 -17.27 -17.28
N SER C 211 11.52 -17.47 -17.83
CA SER C 211 12.17 -18.79 -17.80
C SER C 211 13.14 -18.86 -16.64
N PHE C 212 13.86 -19.98 -16.56
CA PHE C 212 14.88 -20.25 -15.55
C PHE C 212 15.64 -21.45 -16.09
N ASN C 213 16.92 -21.57 -15.78
CA ASN C 213 17.71 -22.70 -16.27
C ASN C 213 17.96 -23.71 -15.16
N ARG C 214 17.37 -24.90 -15.30
CA ARG C 214 17.49 -25.98 -14.32
C ARG C 214 18.84 -25.92 -13.60
N GLY C 215 18.83 -26.26 -12.32
CA GLY C 215 20.04 -26.25 -11.52
C GLY C 215 20.55 -24.89 -11.08
N GLU C 216 20.85 -24.00 -12.04
CA GLU C 216 21.37 -22.67 -11.74
C GLU C 216 20.54 -21.92 -10.70
N CYS C 217 21.10 -20.79 -10.26
CA CYS C 217 20.44 -19.94 -9.28
C CYS C 217 20.42 -18.55 -9.89
#